data_7R7G
#
_entry.id   7R7G
#
_cell.length_a   201.244
_cell.length_b   60.921
_cell.length_c   95.752
_cell.angle_alpha   90.000
_cell.angle_beta   101.109
_cell.angle_gamma   90.000
#
_symmetry.space_group_name_H-M   'C 1 2 1'
#
loop_
_entity.id
_entity.type
_entity.pdbx_description
1 polymer 'Polyketide synthase'
2 non-polymer 'palmitoyl adenylate'
3 non-polymer 'PYROPHOSPHATE 2-'
4 non-polymer 'MAGNESIUM ION'
5 non-polymer 'ACETATE ION'
6 water water
#
_entity_poly.entity_id   1
_entity_poly.type   'polypeptide(L)'
_entity_poly.pdbx_seq_one_letter_code
;SNAVGQFANFVDLLQYRAKLQARKTVFSFLADGEAESAALTYGELDQKAQAIAAFLQANQAQGQRALLLYPPGLEFIGAF
LGCLYAGVVAVPAYPPRPNKSFDRLHSIIQDAQAKFALTTTELKDKIADRLEALEGTDFHCLATDQVELISGKNWQKPNI
SGTDLAFLQYTSGSTGDPKGVMVSHHNLIHNSGLINQGFQDTEASMGVSWLPPYHDMGLIGGILQPIYVGITQILMPPVA
FLQRPFRWLKAINDYRVSTSGAPNFAYDLCASQITPEQIRELDLSCWRLAFSGAEPIRAVTLENFAKTFATAGFQKSAFY
PCYGMAETTLIVSGGNGAAQLPQEIIVSKQGIEANQVRPAQGTETTVTLVGSGEVIGDQIVKIVDPQALTECTVGEIGEV
WVKGESVAQGYWQKPDLTQQQFQGNVGAETGFLRTGDLGFLQGGELYITGRLKDLLIIRGRNHYPQDIELTVEVAHPALR
QGAGAAVSVDVNGEEQLVIVQEVERKYARKLNVAAVAQAIRGAIAAEHQLQPQAICFIKPGSIPKTSSGKIRRHACKAGF
LDGSLAVVGEWQ
;
_entity_poly.pdbx_strand_id   A,B
#
loop_
_chem_comp.id
_chem_comp.type
_chem_comp.name
_chem_comp.formula
1TF non-polymer 'palmitoyl adenylate' 'C26 H44 N5 O8 P'
ACT non-polymer 'ACETATE ION' 'C2 H3 O2 -1'
MG non-polymer 'MAGNESIUM ION' 'Mg 2'
POP non-polymer 'PYROPHOSPHATE 2-' 'H2 O7 P2 -2'
#
# COMPACT_ATOMS: atom_id res chain seq x y z
N VAL A 4 -18.91 14.11 0.85
CA VAL A 4 -17.68 14.81 1.32
C VAL A 4 -16.53 13.81 1.38
N GLY A 5 -16.85 12.52 1.60
CA GLY A 5 -15.80 11.49 1.70
C GLY A 5 -15.53 10.82 0.37
N GLN A 6 -16.15 11.32 -0.70
CA GLN A 6 -15.90 10.78 -2.06
C GLN A 6 -14.94 11.73 -2.78
N PHE A 7 -14.41 12.70 -2.05
CA PHE A 7 -13.53 13.73 -2.68
C PHE A 7 -12.07 13.25 -2.78
N ALA A 8 -11.54 13.23 -4.00
CA ALA A 8 -10.15 12.79 -4.24
C ALA A 8 -9.14 13.86 -3.82
N ASN A 9 -9.57 15.12 -3.75
CA ASN A 9 -8.61 16.21 -3.45
C ASN A 9 -9.30 17.41 -2.78
N PHE A 10 -8.53 18.29 -2.16
CA PHE A 10 -9.10 19.43 -1.40
C PHE A 10 -9.68 20.50 -2.34
N VAL A 11 -9.24 20.55 -3.60
CA VAL A 11 -9.76 21.54 -4.59
C VAL A 11 -11.21 21.17 -4.89
N ASP A 12 -11.45 19.91 -5.23
CA ASP A 12 -12.86 19.46 -5.42
C ASP A 12 -13.65 19.74 -4.14
N LEU A 13 -13.07 19.44 -2.96
CA LEU A 13 -13.81 19.59 -1.67
C LEU A 13 -14.16 21.05 -1.32
N LEU A 14 -13.24 22.00 -1.46
CA LEU A 14 -13.54 23.39 -1.05
C LEU A 14 -14.62 23.94 -1.99
N GLN A 15 -14.53 23.56 -3.26
CA GLN A 15 -15.52 23.98 -4.27
C GLN A 15 -16.90 23.46 -3.84
N TYR A 16 -16.99 22.24 -3.32
CA TYR A 16 -18.29 21.72 -2.81
C TYR A 16 -18.77 22.56 -1.63
N ARG A 17 -17.86 22.86 -0.70
CA ARG A 17 -18.21 23.69 0.48
C ARG A 17 -18.60 25.11 0.05
N ALA A 18 -17.94 25.65 -0.96
CA ALA A 18 -18.25 27.01 -1.43
C ALA A 18 -19.66 27.06 -2.04
N LYS A 19 -20.26 25.90 -2.29
CA LYS A 19 -21.66 25.88 -2.77
C LYS A 19 -22.61 25.63 -1.60
N LEU A 20 -22.40 24.54 -0.85
CA LEU A 20 -23.29 24.16 0.27
C LEU A 20 -23.24 25.18 1.43
N GLN A 21 -22.07 25.70 1.79
CA GLN A 21 -21.94 26.62 2.95
C GLN A 21 -21.23 27.90 2.51
N ALA A 22 -21.58 28.43 1.35
CA ALA A 22 -20.94 29.63 0.78
C ALA A 22 -20.89 30.79 1.77
N ARG A 23 -21.96 30.97 2.53
CA ARG A 23 -22.01 32.16 3.42
C ARG A 23 -21.56 31.82 4.82
N LYS A 24 -21.27 30.54 5.07
CA LYS A 24 -20.74 30.16 6.40
C LYS A 24 -19.31 30.67 6.51
N THR A 25 -18.98 31.29 7.64
CA THR A 25 -17.60 31.76 7.92
C THR A 25 -16.66 30.55 8.05
N VAL A 26 -15.56 30.51 7.30
CA VAL A 26 -14.56 29.39 7.41
C VAL A 26 -13.44 29.77 8.37
N PHE A 27 -12.86 30.93 8.21
CA PHE A 27 -11.80 31.38 9.13
C PHE A 27 -12.05 32.79 9.62
N SER A 28 -11.83 33.04 10.91
CA SER A 28 -11.89 34.40 11.46
C SER A 28 -10.56 34.66 12.15
N PHE A 29 -9.83 35.67 11.71
CA PHE A 29 -8.47 35.90 12.28
C PHE A 29 -8.49 37.01 13.33
N LEU A 30 -7.96 36.72 14.52
CA LEU A 30 -7.81 37.80 15.54
C LEU A 30 -6.32 38.16 15.52
N ALA A 31 -5.97 39.34 15.01
CA ALA A 31 -4.55 39.70 14.84
C ALA A 31 -3.88 39.93 16.20
N ASP A 32 -4.67 40.21 17.23
CA ASP A 32 -4.13 40.48 18.58
C ASP A 32 -4.55 39.37 19.55
N GLY A 33 -5.20 38.35 19.04
CA GLY A 33 -5.65 37.23 19.88
C GLY A 33 -6.84 37.62 20.72
N GLU A 34 -7.43 38.76 20.40
CA GLU A 34 -8.59 39.26 21.16
C GLU A 34 -9.68 39.74 20.19
N ALA A 35 -9.47 40.88 19.57
CA ALA A 35 -10.47 41.43 18.63
C ALA A 35 -10.34 40.79 17.24
N GLU A 36 -11.48 40.57 16.57
CA GLU A 36 -11.46 40.03 15.20
C GLU A 36 -10.92 41.11 14.25
N SER A 37 -10.07 40.71 13.29
CA SER A 37 -9.45 41.68 12.36
C SER A 37 -9.92 41.38 10.95
N ALA A 38 -10.21 40.12 10.64
CA ALA A 38 -10.60 39.71 9.28
C ALA A 38 -11.29 38.36 9.31
N ALA A 39 -11.98 38.04 8.22
CA ALA A 39 -12.72 36.76 8.12
C ALA A 39 -12.90 36.41 6.66
N LEU A 40 -13.25 35.16 6.40
CA LEU A 40 -13.46 34.69 5.03
C LEU A 40 -14.57 33.65 5.10
N THR A 41 -15.42 33.63 4.08
CA THR A 41 -16.47 32.60 4.00
C THR A 41 -15.92 31.48 3.10
N TYR A 42 -16.55 30.33 3.09
CA TYR A 42 -16.16 29.23 2.18
C TYR A 42 -16.24 29.75 0.73
N GLY A 43 -17.25 30.58 0.44
CA GLY A 43 -17.40 31.15 -0.91
C GLY A 43 -16.29 32.11 -1.23
N GLU A 44 -15.93 32.95 -0.27
CA GLU A 44 -14.88 33.96 -0.43
C GLU A 44 -13.51 33.26 -0.56
N LEU A 45 -13.27 32.22 0.24
CA LEU A 45 -12.02 31.44 0.19
C LEU A 45 -11.89 30.78 -1.19
N ASP A 46 -12.95 30.17 -1.67
CA ASP A 46 -12.94 29.58 -3.03
C ASP A 46 -12.58 30.66 -4.07
N GLN A 47 -13.27 31.81 -4.05
CA GLN A 47 -13.03 32.85 -5.08
C GLN A 47 -11.59 33.36 -5.01
N LYS A 48 -11.11 33.70 -3.82
CA LYS A 48 -9.70 34.14 -3.63
C LYS A 48 -8.75 33.08 -4.18
N ALA A 49 -9.07 31.82 -3.95
CA ALA A 49 -8.20 30.71 -4.37
C ALA A 49 -8.13 30.64 -5.89
N GLN A 50 -9.27 30.72 -6.56
CA GLN A 50 -9.31 30.69 -8.05
C GLN A 50 -8.50 31.87 -8.58
N ALA A 51 -8.55 33.01 -7.90
CA ALA A 51 -7.90 34.24 -8.40
C ALA A 51 -6.38 34.17 -8.20
N ILE A 52 -5.92 33.76 -7.02
CA ILE A 52 -4.46 33.57 -6.81
C ILE A 52 -4.01 32.47 -7.78
N ALA A 53 -4.84 31.43 -7.94
CA ALA A 53 -4.53 30.38 -8.92
C ALA A 53 -4.28 30.98 -10.30
N ALA A 54 -5.23 31.77 -10.82
CA ALA A 54 -5.08 32.34 -12.17
C ALA A 54 -3.82 33.19 -12.26
N PHE A 55 -3.53 33.98 -11.23
CA PHE A 55 -2.28 34.80 -11.17
C PHE A 55 -1.06 33.89 -11.27
N LEU A 56 -1.09 32.74 -10.58
CA LEU A 56 0.05 31.80 -10.58
C LEU A 56 0.21 31.15 -11.95
N GLN A 57 -0.90 30.76 -12.59
CA GLN A 57 -0.82 30.06 -13.89
C GLN A 57 -0.29 30.99 -14.99
N ALA A 58 -0.69 32.26 -14.97
CA ALA A 58 -0.23 33.23 -15.98
C ALA A 58 1.24 33.57 -15.71
N ASN A 59 1.66 33.39 -14.46
CA ASN A 59 3.03 33.73 -14.07
C ASN A 59 3.93 32.52 -14.25
N GLN A 60 3.47 31.50 -14.97
CA GLN A 60 4.30 30.31 -15.30
C GLN A 60 4.74 29.49 -14.07
N ALA A 61 3.89 29.36 -13.05
CA ALA A 61 4.23 28.64 -11.80
C ALA A 61 3.75 27.20 -11.77
N GLN A 62 2.95 26.80 -12.75
CA GLN A 62 2.38 25.44 -12.76
C GLN A 62 3.51 24.43 -12.96
N GLY A 63 3.62 23.44 -12.08
CA GLY A 63 4.68 22.42 -12.18
C GLY A 63 5.94 22.88 -11.51
N GLN A 64 5.90 24.06 -10.92
CA GLN A 64 7.10 24.64 -10.28
C GLN A 64 6.87 24.69 -8.77
N ARG A 65 7.93 24.93 -8.03
CA ARG A 65 7.84 25.00 -6.55
C ARG A 65 7.85 26.45 -6.10
N ALA A 66 6.99 26.79 -5.15
CA ALA A 66 6.90 28.18 -4.69
C ALA A 66 6.97 28.30 -3.18
N LEU A 67 7.89 29.11 -2.69
CA LEU A 67 7.99 29.39 -1.24
C LEU A 67 6.83 30.29 -0.83
N LEU A 68 6.16 29.96 0.26
CA LEU A 68 5.12 30.86 0.76
C LEU A 68 5.69 31.63 1.94
N LEU A 69 5.78 32.96 1.81
CA LEU A 69 6.40 33.80 2.85
C LEU A 69 5.36 34.82 3.33
N TYR A 70 4.54 34.44 4.31
CA TYR A 70 3.44 35.32 4.75
C TYR A 70 3.39 35.42 6.28
N PRO A 71 2.92 36.55 6.85
CA PRO A 71 2.73 36.65 8.29
C PRO A 71 1.52 35.76 8.61
N PRO A 72 1.34 35.24 9.84
CA PRO A 72 0.15 34.45 10.16
C PRO A 72 -1.09 35.28 9.80
N GLY A 73 -1.95 34.75 8.94
CA GLY A 73 -3.19 35.46 8.57
C GLY A 73 -3.87 34.75 7.43
N LEU A 74 -4.89 35.38 6.87
CA LEU A 74 -5.71 34.70 5.83
C LEU A 74 -5.03 34.74 4.47
N GLU A 75 -4.08 35.65 4.27
CA GLU A 75 -3.34 35.72 2.99
C GLU A 75 -2.58 34.42 2.75
N PHE A 76 -1.88 33.92 3.77
CA PHE A 76 -1.17 32.60 3.67
C PHE A 76 -2.14 31.52 3.26
N ILE A 77 -3.28 31.44 3.94
CA ILE A 77 -4.28 30.38 3.66
C ILE A 77 -4.69 30.46 2.20
N GLY A 78 -5.10 31.64 1.73
CA GLY A 78 -5.46 31.83 0.31
C GLY A 78 -4.35 31.47 -0.66
N ALA A 79 -3.13 31.88 -0.37
CA ALA A 79 -1.97 31.51 -1.21
C ALA A 79 -1.77 29.99 -1.27
N PHE A 80 -1.91 29.30 -0.14
CA PHE A 80 -1.72 27.83 -0.09
C PHE A 80 -2.77 27.16 -0.96
N LEU A 81 -4.03 27.52 -0.77
CA LEU A 81 -5.13 26.88 -1.55
C LEU A 81 -5.04 27.32 -2.99
N GLY A 82 -4.56 28.54 -3.24
CA GLY A 82 -4.29 28.97 -4.61
C GLY A 82 -3.30 28.07 -5.30
N CYS A 83 -2.20 27.72 -4.62
CA CYS A 83 -1.20 26.78 -5.18
C CYS A 83 -1.84 25.42 -5.47
N LEU A 84 -2.65 24.90 -4.56
CA LEU A 84 -3.39 23.63 -4.79
C LEU A 84 -4.33 23.75 -6.00
N TYR A 85 -5.09 24.85 -6.10
CA TYR A 85 -5.96 25.10 -7.28
C TYR A 85 -5.13 25.23 -8.56
N ALA A 86 -3.98 25.88 -8.48
CA ALA A 86 -3.14 26.14 -9.68
C ALA A 86 -2.26 24.97 -10.14
N GLY A 87 -2.03 23.96 -9.30
CA GLY A 87 -1.07 22.91 -9.69
C GLY A 87 0.34 23.37 -9.42
N VAL A 88 0.52 24.28 -8.47
CA VAL A 88 1.86 24.75 -8.06
C VAL A 88 2.25 23.99 -6.79
N VAL A 89 3.46 23.45 -6.75
CA VAL A 89 3.98 22.74 -5.55
C VAL A 89 4.38 23.80 -4.54
N ALA A 90 3.54 24.02 -3.54
CA ALA A 90 3.78 25.07 -2.54
C ALA A 90 4.83 24.61 -1.53
N VAL A 91 5.64 25.55 -1.09
CA VAL A 91 6.68 25.24 -0.09
C VAL A 91 6.52 26.25 1.02
N PRO A 92 5.66 25.97 2.03
CA PRO A 92 5.50 26.88 3.15
C PRO A 92 6.79 27.01 3.96
N ALA A 93 7.00 28.19 4.52
CA ALA A 93 8.19 28.44 5.32
C ALA A 93 7.94 29.65 6.22
N TYR A 94 8.73 29.78 7.27
CA TYR A 94 8.62 30.95 8.17
C TYR A 94 9.14 32.17 7.42
N PRO A 95 8.44 33.33 7.49
CA PRO A 95 8.84 34.49 6.72
C PRO A 95 10.14 35.12 7.21
N PRO A 96 10.88 35.86 6.35
CA PRO A 96 12.07 36.55 6.79
C PRO A 96 11.74 37.60 7.85
N ARG A 97 12.70 37.86 8.74
CA ARG A 97 12.46 38.81 9.84
C ARG A 97 13.54 39.87 9.78
N PRO A 98 13.35 41.09 10.37
CA PRO A 98 14.35 42.14 10.23
C PRO A 98 15.65 41.85 10.98
N ASN A 99 16.77 42.40 10.52
CA ASN A 99 18.09 42.22 11.18
C ASN A 99 18.43 40.73 11.30
N LYS A 100 18.03 39.92 10.32
CA LYS A 100 18.24 38.46 10.37
C LYS A 100 18.67 37.94 9.01
N SER A 101 19.38 36.79 8.97
CA SER A 101 19.88 36.22 7.71
C SER A 101 18.82 35.48 6.91
N PHE A 102 19.04 35.32 5.62
CA PHE A 102 18.11 34.56 4.75
C PHE A 102 18.72 33.18 4.44
N ASP A 103 19.66 32.71 5.27
CA ASP A 103 20.36 31.41 5.03
C ASP A 103 19.35 30.27 5.01
N ARG A 104 18.49 30.20 6.03
CA ARG A 104 17.45 29.15 6.11
C ARG A 104 16.59 29.19 4.86
N LEU A 105 16.17 30.39 4.46
CA LEU A 105 15.26 30.54 3.30
C LEU A 105 15.95 30.15 2.00
N HIS A 106 17.20 30.59 1.81
CA HIS A 106 17.98 30.24 0.60
C HIS A 106 18.21 28.73 0.54
N SER A 107 18.42 28.11 1.69
CA SER A 107 18.70 26.65 1.72
C SER A 107 17.46 25.90 1.28
N ILE A 108 16.29 26.34 1.72
CA ILE A 108 15.02 25.71 1.24
C ILE A 108 14.87 25.97 -0.27
N ILE A 109 15.20 27.17 -0.74
CA ILE A 109 15.05 27.52 -2.18
C ILE A 109 15.98 26.62 -3.00
N GLN A 110 17.22 26.49 -2.56
CA GLN A 110 18.18 25.58 -3.25
C GLN A 110 17.66 24.14 -3.20
N ASP A 111 17.26 23.66 -2.04
CA ASP A 111 16.80 22.25 -1.93
C ASP A 111 15.58 22.03 -2.84
N ALA A 112 14.58 22.90 -2.73
CA ALA A 112 13.33 22.75 -3.51
C ALA A 112 13.57 23.09 -4.98
N GLN A 113 14.69 23.75 -5.29
CA GLN A 113 14.92 24.24 -6.68
C GLN A 113 13.72 25.12 -7.03
N ALA A 114 13.34 26.01 -6.10
CA ALA A 114 12.16 26.87 -6.29
C ALA A 114 12.46 28.04 -7.21
N LYS A 115 11.54 28.33 -8.13
CA LYS A 115 11.70 29.45 -9.07
C LYS A 115 10.83 30.63 -8.63
N PHE A 116 10.08 30.48 -7.54
CA PHE A 116 9.11 31.54 -7.16
C PHE A 116 8.96 31.71 -5.66
N ALA A 117 8.76 32.96 -5.22
CA ALA A 117 8.43 33.22 -3.81
C ALA A 117 7.10 33.97 -3.78
N LEU A 118 6.12 33.44 -3.07
CA LEU A 118 4.78 34.05 -2.94
C LEU A 118 4.73 34.78 -1.60
N THR A 119 4.45 36.08 -1.61
CA THR A 119 4.50 36.90 -0.38
C THR A 119 3.49 38.04 -0.39
N THR A 120 3.58 38.92 0.60
CA THR A 120 2.72 40.11 0.67
C THR A 120 3.41 41.28 -0.04
N THR A 121 2.67 42.32 -0.37
CA THR A 121 3.24 43.53 -1.01
C THR A 121 4.28 44.15 -0.06
N GLU A 122 3.97 44.19 1.23
CA GLU A 122 4.91 44.78 2.23
C GLU A 122 6.24 44.04 2.21
N LEU A 123 6.22 42.73 2.40
CA LEU A 123 7.49 41.95 2.50
C LEU A 123 8.21 41.98 1.15
N LYS A 124 7.48 41.96 0.05
CA LYS A 124 8.13 41.91 -1.29
C LYS A 124 9.00 43.15 -1.45
N ASP A 125 8.49 44.30 -1.03
CA ASP A 125 9.25 45.58 -1.18
C ASP A 125 10.50 45.55 -0.29
N LYS A 126 10.57 44.61 0.66
CA LYS A 126 11.72 44.62 1.61
C LYS A 126 12.70 43.49 1.27
N ILE A 127 12.25 42.49 0.51
CA ILE A 127 13.09 41.26 0.32
C ILE A 127 13.35 40.96 -1.15
N ALA A 128 12.66 41.60 -2.09
CA ALA A 128 12.82 41.25 -3.51
C ALA A 128 14.26 41.42 -4.02
N ASP A 129 14.95 42.48 -3.62
CA ASP A 129 16.30 42.73 -4.17
C ASP A 129 17.28 41.77 -3.50
N ARG A 130 17.03 41.44 -2.24
CA ARG A 130 17.87 40.46 -1.51
C ARG A 130 17.70 39.09 -2.18
N LEU A 131 16.50 38.78 -2.65
CA LEU A 131 16.26 37.50 -3.36
C LEU A 131 16.94 37.49 -4.72
N GLU A 132 17.01 38.62 -5.42
CA GLU A 132 17.76 38.69 -6.69
C GLU A 132 19.25 38.45 -6.42
N ALA A 133 19.77 39.07 -5.36
CA ALA A 133 21.19 38.88 -4.97
C ALA A 133 21.47 37.40 -4.73
N LEU A 134 20.68 36.75 -3.87
CA LEU A 134 20.88 35.31 -3.53
C LEU A 134 20.46 34.32 -4.61
N GLU A 135 19.31 34.50 -5.26
CA GLU A 135 18.82 33.42 -6.18
C GLU A 135 18.88 33.80 -7.67
N GLY A 136 19.17 35.06 -7.97
CA GLY A 136 19.31 35.47 -9.38
C GLY A 136 18.09 36.15 -9.97
N THR A 137 18.17 36.56 -11.24
CA THR A 137 17.06 37.31 -11.89
C THR A 137 15.93 36.37 -12.31
N ASP A 138 16.26 35.13 -12.67
CA ASP A 138 15.24 34.15 -13.13
C ASP A 138 14.30 33.76 -11.98
N PHE A 139 14.62 34.19 -10.75
CA PHE A 139 13.72 33.94 -9.60
C PHE A 139 12.72 35.08 -9.49
N HIS A 140 11.46 34.75 -9.23
CA HIS A 140 10.38 35.76 -9.22
C HIS A 140 9.68 35.88 -7.87
N CYS A 141 9.84 37.02 -7.21
CA CYS A 141 9.10 37.29 -5.95
C CYS A 141 7.73 37.87 -6.37
N LEU A 142 6.66 37.15 -6.10
CA LEU A 142 5.30 37.59 -6.52
C LEU A 142 4.47 37.94 -5.29
N ALA A 143 3.62 38.96 -5.42
CA ALA A 143 2.68 39.33 -4.33
C ALA A 143 1.29 38.87 -4.71
N THR A 144 0.54 38.35 -3.76
CA THR A 144 -0.77 37.73 -4.06
C THR A 144 -1.89 38.45 -3.32
N ASP A 145 -1.56 39.49 -2.57
CA ASP A 145 -2.56 40.20 -1.73
C ASP A 145 -3.32 41.25 -2.55
N GLN A 146 -2.84 41.59 -3.74
CA GLN A 146 -3.49 42.63 -4.56
C GLN A 146 -4.02 42.02 -5.86
N VAL A 147 -4.25 40.71 -5.90
CA VAL A 147 -4.84 40.06 -7.10
C VAL A 147 -6.35 40.36 -7.13
N GLU A 148 -6.84 40.88 -8.25
CA GLU A 148 -8.28 41.19 -8.41
C GLU A 148 -9.05 39.87 -8.40
N LEU A 149 -10.22 39.86 -7.75
CA LEU A 149 -10.99 38.59 -7.61
C LEU A 149 -11.56 38.18 -8.95
N ILE A 150 -11.64 39.11 -9.91
CA ILE A 150 -12.26 38.79 -11.23
C ILE A 150 -11.29 37.93 -12.02
N SER A 151 -10.01 37.96 -11.64
CA SER A 151 -8.98 37.13 -12.32
C SER A 151 -9.31 35.65 -12.27
N GLY A 152 -10.03 35.19 -11.25
CA GLY A 152 -10.41 33.77 -11.08
C GLY A 152 -11.26 33.26 -12.22
N LYS A 153 -11.91 34.15 -12.96
CA LYS A 153 -12.70 33.74 -14.15
C LYS A 153 -11.76 33.12 -15.17
N ASN A 154 -10.48 33.45 -15.08
CA ASN A 154 -9.47 32.91 -16.03
C ASN A 154 -8.67 31.75 -15.39
N TRP A 155 -9.29 30.96 -14.50
CA TRP A 155 -8.60 29.83 -13.84
C TRP A 155 -8.77 28.56 -14.67
N GLN A 156 -7.67 27.91 -15.04
CA GLN A 156 -7.79 26.62 -15.74
C GLN A 156 -7.68 25.50 -14.70
N LYS A 157 -8.77 24.79 -14.46
CA LYS A 157 -8.77 23.71 -13.43
C LYS A 157 -7.83 22.59 -13.87
N PRO A 158 -6.74 22.25 -13.13
CA PRO A 158 -5.89 21.15 -13.51
C PRO A 158 -6.63 19.81 -13.35
N ASN A 159 -6.26 18.82 -14.14
CA ASN A 159 -6.78 17.45 -13.97
C ASN A 159 -5.99 16.86 -12.80
N ILE A 160 -6.54 16.89 -11.60
CA ILE A 160 -5.76 16.48 -10.40
C ILE A 160 -6.04 15.03 -10.01
N SER A 161 -4.99 14.24 -9.80
CA SER A 161 -5.14 12.87 -9.26
C SER A 161 -4.51 12.86 -7.87
N GLY A 162 -4.89 11.91 -7.01
CA GLY A 162 -4.35 11.88 -5.64
C GLY A 162 -2.87 11.63 -5.61
N THR A 163 -2.36 10.94 -6.63
CA THR A 163 -0.92 10.61 -6.69
C THR A 163 -0.10 11.85 -7.10
N ASP A 164 -0.79 12.95 -7.43
CA ASP A 164 -0.07 14.20 -7.79
C ASP A 164 0.48 14.84 -6.53
N LEU A 165 1.67 15.41 -6.60
CA LEU A 165 2.29 16.09 -5.44
C LEU A 165 1.61 17.43 -5.20
N ALA A 166 1.27 17.70 -3.95
CA ALA A 166 0.55 18.95 -3.61
C ALA A 166 1.56 19.97 -3.09
N PHE A 167 2.26 19.62 -2.01
CA PHE A 167 3.19 20.58 -1.39
C PHE A 167 4.42 19.90 -0.80
N LEU A 168 5.48 20.66 -0.61
CA LEU A 168 6.71 20.15 0.04
C LEU A 168 6.69 20.63 1.50
N GLN A 169 6.44 19.72 2.44
CA GLN A 169 6.42 20.07 3.88
C GLN A 169 7.84 19.82 4.38
N TYR A 170 8.52 20.89 4.77
CA TYR A 170 9.91 20.74 5.21
C TYR A 170 9.96 20.45 6.71
N THR A 171 10.87 19.56 7.11
CA THR A 171 11.04 19.18 8.52
C THR A 171 11.63 20.36 9.27
N SER A 172 11.48 20.39 10.59
CA SER A 172 11.96 21.52 11.43
C SER A 172 13.49 21.65 11.39
N GLY A 173 14.22 20.55 11.20
CA GLY A 173 15.68 20.61 11.21
C GLY A 173 16.26 20.40 12.60
N SER A 174 15.52 19.75 13.48
CA SER A 174 15.99 19.54 14.86
C SER A 174 17.14 18.52 14.87
N THR A 175 17.09 17.52 13.98
CA THR A 175 18.08 16.41 14.00
C THR A 175 19.09 16.55 12.86
N GLY A 176 18.84 17.44 11.92
CA GLY A 176 19.76 17.66 10.80
C GLY A 176 19.31 18.83 9.94
N ASP A 177 19.45 18.70 8.63
CA ASP A 177 19.01 19.78 7.72
C ASP A 177 17.54 19.55 7.42
N PRO A 178 16.70 20.61 7.26
CA PRO A 178 15.33 20.40 6.85
C PRO A 178 15.28 19.54 5.57
N LYS A 179 14.43 18.53 5.57
CA LYS A 179 14.25 17.68 4.37
C LYS A 179 12.86 17.96 3.79
N GLY A 180 12.70 17.78 2.48
CA GLY A 180 11.44 18.10 1.80
C GLY A 180 10.53 16.91 1.69
N VAL A 181 9.47 16.92 2.47
CA VAL A 181 8.49 15.80 2.44
C VAL A 181 7.54 16.02 1.26
N MET A 182 7.48 15.05 0.35
CA MET A 182 6.58 15.10 -0.80
C MET A 182 5.20 14.62 -0.37
N VAL A 183 4.32 15.56 -0.03
CA VAL A 183 2.93 15.22 0.41
C VAL A 183 2.04 15.21 -0.83
N SER A 184 1.46 14.06 -1.14
CA SER A 184 0.52 13.95 -2.28
C SER A 184 -0.86 14.53 -1.93
N HIS A 185 -1.78 14.55 -2.90
CA HIS A 185 -3.16 15.04 -2.67
C HIS A 185 -3.92 13.97 -1.88
N HIS A 186 -3.69 12.70 -2.21
CA HIS A 186 -4.30 11.56 -1.48
C HIS A 186 -3.80 11.55 -0.04
N ASN A 187 -2.55 11.91 0.16
CA ASN A 187 -1.98 12.00 1.52
C ASN A 187 -2.79 13.01 2.34
N LEU A 188 -3.06 14.17 1.78
CA LEU A 188 -3.88 15.20 2.46
C LEU A 188 -5.30 14.67 2.76
N ILE A 189 -5.93 14.00 1.80
CA ILE A 189 -7.32 13.54 1.98
C ILE A 189 -7.36 12.37 2.97
N HIS A 190 -6.45 11.40 2.83
CA HIS A 190 -6.40 10.22 3.72
C HIS A 190 -6.17 10.64 5.18
N ASN A 191 -5.22 11.53 5.42
CA ASN A 191 -4.89 11.90 6.81
C ASN A 191 -6.00 12.77 7.38
N SER A 192 -6.59 13.61 6.54
CA SER A 192 -7.71 14.47 7.00
C SER A 192 -8.81 13.56 7.55
N GLY A 193 -9.16 12.51 6.83
CA GLY A 193 -10.13 11.53 7.32
C GLY A 193 -9.66 10.87 8.59
N LEU A 194 -8.36 10.61 8.71
CA LEU A 194 -7.81 9.94 9.90
C LEU A 194 -7.96 10.85 11.11
N ILE A 195 -7.67 12.13 10.95
CA ILE A 195 -7.88 13.12 12.05
C ILE A 195 -9.36 13.11 12.45
N ASN A 196 -10.28 12.91 11.51
CA ASN A 196 -11.74 12.97 11.80
C ASN A 196 -12.26 11.66 12.41
N GLN A 197 -11.69 10.52 12.01
CA GLN A 197 -12.04 9.22 12.61
C GLN A 197 -11.68 9.26 14.09
N GLY A 198 -10.72 10.10 14.46
CA GLY A 198 -10.29 10.21 15.85
C GLY A 198 -10.91 11.37 16.59
N PHE A 199 -10.86 12.57 16.02
CA PHE A 199 -11.43 13.77 16.67
C PHE A 199 -12.94 13.67 16.72
N GLN A 200 -13.55 13.03 15.73
CA GLN A 200 -15.03 12.84 15.67
C GLN A 200 -15.75 14.19 15.61
N ASP A 201 -15.17 15.16 14.93
CA ASP A 201 -15.77 16.52 14.87
C ASP A 201 -16.96 16.51 13.90
N THR A 202 -17.87 17.47 14.09
CA THR A 202 -19.04 17.59 13.19
C THR A 202 -19.12 19.04 12.68
N GLU A 203 -20.03 19.30 11.75
CA GLU A 203 -20.20 20.66 11.19
C GLU A 203 -20.59 21.62 12.32
N ALA A 204 -20.97 21.07 13.47
CA ALA A 204 -21.36 21.91 14.62
C ALA A 204 -20.19 22.17 15.56
N SER A 205 -19.02 21.61 15.23
CA SER A 205 -17.86 21.79 16.12
C SER A 205 -17.22 23.16 15.87
N MET A 206 -16.70 23.80 16.91
CA MET A 206 -15.98 25.10 16.76
C MET A 206 -14.50 24.90 17.10
N GLY A 207 -13.63 25.68 16.46
CA GLY A 207 -12.19 25.48 16.68
C GLY A 207 -11.43 26.78 16.83
N VAL A 208 -10.39 26.78 17.65
CA VAL A 208 -9.50 27.96 17.76
C VAL A 208 -8.09 27.39 17.63
N SER A 209 -7.16 28.16 17.04
CA SER A 209 -5.78 27.64 16.81
C SER A 209 -4.78 28.78 16.77
N TRP A 210 -3.85 28.82 17.73
CA TRP A 210 -2.77 29.84 17.72
C TRP A 210 -1.54 29.25 17.04
N LEU A 211 -1.61 27.97 16.65
CA LEU A 211 -0.42 27.27 16.09
C LEU A 211 0.14 27.95 14.84
N PRO A 212 1.48 27.96 14.58
CA PRO A 212 2.04 28.53 13.37
C PRO A 212 1.43 27.88 12.14
N PRO A 213 0.88 28.61 11.14
CA PRO A 213 0.19 27.96 10.01
C PRO A 213 1.14 27.31 9.00
N TYR A 214 2.44 27.59 9.11
CA TYR A 214 3.42 27.09 8.11
C TYR A 214 3.53 25.56 8.07
N HIS A 215 3.51 24.89 9.22
CA HIS A 215 3.77 23.43 9.17
C HIS A 215 2.96 22.56 10.13
N ASP A 216 2.98 21.24 9.92
CA ASP A 216 2.32 20.25 10.81
C ASP A 216 0.95 20.63 11.36
N MET A 217 0.77 20.55 12.68
CA MET A 217 -0.56 20.75 13.31
C MET A 217 -1.22 22.05 12.86
N GLY A 218 -0.45 23.11 12.63
CA GLY A 218 -0.99 24.40 12.18
C GLY A 218 -1.57 24.36 10.78
N LEU A 219 -0.98 23.59 9.86
CA LEU A 219 -1.42 23.62 8.45
C LEU A 219 -2.44 22.53 8.12
N ILE A 220 -2.12 21.26 8.39
CA ILE A 220 -3.04 20.17 7.96
C ILE A 220 -4.19 20.09 8.96
N GLY A 221 -3.95 20.61 10.16
CA GLY A 221 -4.98 20.54 11.21
C GLY A 221 -5.62 21.88 11.47
N GLY A 222 -4.86 22.94 11.47
CA GLY A 222 -5.41 24.27 11.76
C GLY A 222 -6.04 24.91 10.55
N ILE A 223 -5.67 24.47 9.35
CA ILE A 223 -6.18 25.07 8.09
C ILE A 223 -7.01 24.02 7.35
N LEU A 224 -6.41 22.88 7.02
CA LEU A 224 -7.11 21.90 6.16
C LEU A 224 -8.27 21.15 6.85
N GLN A 225 -8.16 20.82 8.14
CA GLN A 225 -9.21 20.04 8.84
C GLN A 225 -10.51 20.84 9.00
N PRO A 226 -10.50 22.16 9.34
CA PRO A 226 -11.72 22.97 9.29
C PRO A 226 -12.45 22.82 7.94
N ILE A 227 -11.72 22.87 6.82
CA ILE A 227 -12.31 22.76 5.46
C ILE A 227 -12.84 21.35 5.23
N TYR A 228 -12.11 20.32 5.67
CA TYR A 228 -12.57 18.91 5.53
C TYR A 228 -13.89 18.73 6.28
N VAL A 229 -14.04 19.33 7.45
CA VAL A 229 -15.26 19.13 8.32
C VAL A 229 -16.35 20.20 8.11
N GLY A 230 -16.07 21.28 7.38
CA GLY A 230 -17.08 22.32 7.14
C GLY A 230 -17.41 23.04 8.42
N ILE A 231 -16.39 23.54 9.12
CA ILE A 231 -16.59 24.18 10.45
C ILE A 231 -15.94 25.55 10.45
N THR A 232 -16.26 26.38 11.44
CA THR A 232 -15.65 27.72 11.56
C THR A 232 -14.43 27.65 12.48
N GLN A 233 -13.28 28.10 11.99
CA GLN A 233 -12.03 28.09 12.76
C GLN A 233 -11.66 29.51 13.16
N ILE A 234 -11.36 29.72 14.44
CA ILE A 234 -10.83 31.03 14.89
C ILE A 234 -9.32 30.89 14.92
N LEU A 235 -8.59 31.84 14.34
CA LEU A 235 -7.12 31.77 14.24
C LEU A 235 -6.48 33.03 14.80
N MET A 236 -5.35 32.89 15.48
CA MET A 236 -4.58 34.05 16.01
C MET A 236 -3.10 33.76 15.81
N PRO A 237 -2.21 34.78 15.78
CA PRO A 237 -0.78 34.54 15.64
C PRO A 237 -0.21 33.85 16.89
N PRO A 238 0.80 32.97 16.75
CA PRO A 238 1.41 32.33 17.92
C PRO A 238 1.95 33.35 18.94
N VAL A 239 2.35 34.53 18.47
CA VAL A 239 2.96 35.56 19.36
C VAL A 239 1.89 36.10 20.31
N ALA A 240 0.64 36.15 19.86
CA ALA A 240 -0.46 36.60 20.73
C ALA A 240 -0.58 35.66 21.94
N PHE A 241 -0.62 34.36 21.71
CA PHE A 241 -0.67 33.38 22.83
C PHE A 241 0.61 33.45 23.63
N LEU A 242 1.76 33.49 22.96
CA LEU A 242 3.02 33.43 23.73
C LEU A 242 3.09 34.62 24.69
N GLN A 243 2.58 35.78 24.29
CA GLN A 243 2.70 36.98 25.14
C GLN A 243 1.63 36.99 26.22
N ARG A 244 0.46 36.46 25.90
CA ARG A 244 -0.65 36.41 26.88
C ARG A 244 -1.38 35.08 26.72
N PRO A 245 -0.99 34.00 27.42
CA PRO A 245 -1.60 32.68 27.26
C PRO A 245 -3.11 32.64 27.56
N PHE A 246 -3.61 33.56 28.38
CA PHE A 246 -5.05 33.64 28.71
C PHE A 246 -5.86 33.83 27.43
N ARG A 247 -5.27 34.42 26.39
CA ARG A 247 -5.99 34.71 25.13
C ARG A 247 -6.49 33.41 24.49
N TRP A 248 -5.72 32.33 24.61
CA TRP A 248 -6.15 31.02 24.06
C TRP A 248 -7.40 30.55 24.80
N LEU A 249 -7.35 30.55 26.13
CA LEU A 249 -8.49 29.99 26.92
C LEU A 249 -9.69 30.94 26.87
N LYS A 250 -9.46 32.25 26.81
CA LYS A 250 -10.57 33.23 26.67
C LYS A 250 -11.31 33.02 25.35
N ALA A 251 -10.58 32.79 24.26
CA ALA A 251 -11.19 32.54 22.94
C ALA A 251 -12.04 31.26 23.00
N ILE A 252 -11.52 30.22 23.64
CA ILE A 252 -12.28 28.95 23.80
C ILE A 252 -13.60 29.24 24.53
N ASN A 253 -13.54 30.00 25.61
CA ASN A 253 -14.74 30.40 26.39
C ASN A 253 -15.67 31.25 25.53
N ASP A 254 -15.14 32.28 24.87
CA ASP A 254 -15.96 33.24 24.10
C ASP A 254 -16.67 32.59 22.91
N TYR A 255 -16.02 31.70 22.18
CA TYR A 255 -16.63 31.11 20.95
C TYR A 255 -17.16 29.68 21.19
N ARG A 256 -17.18 29.23 22.45
CA ARG A 256 -17.64 27.86 22.81
C ARG A 256 -16.87 26.82 21.97
N VAL A 257 -15.54 26.96 21.91
CA VAL A 257 -14.70 26.05 21.07
C VAL A 257 -14.72 24.62 21.61
N SER A 258 -15.00 23.66 20.74
CA SER A 258 -15.04 22.23 21.11
C SER A 258 -13.66 21.59 20.96
N THR A 259 -12.91 21.99 19.93
CA THR A 259 -11.64 21.32 19.59
C THR A 259 -10.48 22.30 19.41
N SER A 260 -9.60 22.38 20.39
CA SER A 260 -8.36 23.17 20.27
C SER A 260 -7.24 22.30 20.86
N GLY A 261 -5.98 22.64 20.57
CA GLY A 261 -4.87 21.85 21.09
C GLY A 261 -3.53 22.49 20.81
N ALA A 262 -2.45 21.89 21.33
CA ALA A 262 -1.11 22.49 21.19
C ALA A 262 -0.03 21.53 21.71
N PRO A 263 1.28 21.82 21.57
CA PRO A 263 2.30 21.00 22.19
C PRO A 263 2.22 21.04 23.71
N ASN A 264 2.94 20.14 24.40
CA ASN A 264 2.92 20.03 25.89
C ASN A 264 3.31 21.33 26.59
N PHE A 265 4.31 22.04 26.09
CA PHE A 265 4.80 23.28 26.76
C PHE A 265 3.70 24.33 26.87
N ALA A 266 2.78 24.37 25.92
CA ALA A 266 1.74 25.42 25.91
C ALA A 266 0.80 25.21 27.09
N TYR A 267 0.52 23.96 27.43
CA TYR A 267 -0.33 23.66 28.59
C TYR A 267 0.36 24.12 29.88
N ASP A 268 1.68 24.02 29.95
CA ASP A 268 2.45 24.45 31.15
C ASP A 268 2.39 25.98 31.27
N LEU A 269 2.63 26.67 30.16
CA LEU A 269 2.64 28.15 30.16
C LEU A 269 1.23 28.65 30.52
N CYS A 270 0.20 28.01 30.01
CA CYS A 270 -1.18 28.39 30.43
C CYS A 270 -1.28 28.21 31.95
N ALA A 271 -0.74 27.12 32.49
CA ALA A 271 -0.88 26.86 33.94
C ALA A 271 -0.07 27.88 34.75
N SER A 272 1.14 28.17 34.31
CA SER A 272 2.01 29.06 35.12
C SER A 272 1.62 30.54 34.94
N GLN A 273 1.25 30.96 33.73
CA GLN A 273 1.04 32.42 33.47
C GLN A 273 -0.43 32.83 33.39
N ILE A 274 -1.36 32.04 33.94
CA ILE A 274 -2.78 32.53 33.97
C ILE A 274 -3.16 32.79 35.43
N THR A 275 -3.63 34.00 35.73
CA THR A 275 -3.94 34.37 37.13
C THR A 275 -5.26 33.71 37.59
N PRO A 276 -5.56 33.54 38.90
CA PRO A 276 -6.86 33.00 39.34
C PRO A 276 -8.04 33.93 39.02
N GLU A 277 -7.81 35.23 38.99
CA GLU A 277 -8.89 36.17 38.57
C GLU A 277 -9.25 35.83 37.12
N GLN A 278 -8.24 35.53 36.31
CA GLN A 278 -8.47 35.19 34.89
C GLN A 278 -9.20 33.85 34.80
N ILE A 279 -8.86 32.90 35.68
CA ILE A 279 -9.49 31.55 35.66
C ILE A 279 -10.98 31.70 36.03
N ARG A 280 -11.30 32.68 36.86
CA ARG A 280 -12.70 32.93 37.27
C ARG A 280 -13.51 33.48 36.10
N GLU A 281 -12.84 33.97 35.05
CA GLU A 281 -13.52 34.53 33.85
C GLU A 281 -13.69 33.43 32.80
N LEU A 282 -13.35 32.19 33.13
CA LEU A 282 -13.37 31.12 32.10
C LEU A 282 -14.42 30.05 32.35
N ASP A 283 -15.02 29.54 31.27
CA ASP A 283 -15.94 28.38 31.34
C ASP A 283 -15.48 27.41 30.25
N LEU A 284 -14.81 26.32 30.61
CA LEU A 284 -14.21 25.42 29.60
C LEU A 284 -14.96 24.09 29.52
N SER A 285 -16.24 24.06 29.91
CA SER A 285 -17.08 22.84 29.77
C SER A 285 -17.30 22.56 28.29
N CYS A 286 -17.11 23.58 27.44
CA CYS A 286 -17.32 23.46 25.97
C CYS A 286 -16.17 22.68 25.33
N TRP A 287 -15.05 22.54 26.04
CA TRP A 287 -13.85 21.90 25.44
C TRP A 287 -13.89 20.37 25.61
N ARG A 288 -14.21 19.63 24.54
CA ARG A 288 -14.34 18.16 24.61
C ARG A 288 -13.08 17.46 24.07
N LEU A 289 -12.31 18.13 23.20
CA LEU A 289 -11.05 17.56 22.68
C LEU A 289 -9.93 18.59 22.84
N ALA A 290 -8.97 18.30 23.70
CA ALA A 290 -7.79 19.17 23.88
C ALA A 290 -6.57 18.34 23.47
N PHE A 291 -6.19 18.42 22.20
CA PHE A 291 -5.09 17.58 21.67
C PHE A 291 -3.70 18.01 22.14
N SER A 292 -2.77 17.06 22.22
CA SER A 292 -1.37 17.39 22.58
C SER A 292 -0.42 16.61 21.67
N GLY A 293 0.35 17.30 20.82
CA GLY A 293 1.21 16.59 19.84
C GLY A 293 2.43 17.40 19.45
N ALA A 294 3.37 16.79 18.71
CA ALA A 294 4.59 17.47 18.22
C ALA A 294 5.63 17.60 19.33
N GLU A 295 5.44 16.91 20.46
CA GLU A 295 6.37 17.04 21.60
C GLU A 295 6.04 15.97 22.67
N PRO A 296 7.01 15.33 23.36
CA PRO A 296 6.66 14.41 24.45
C PRO A 296 5.53 14.90 25.38
N ILE A 297 4.48 14.08 25.54
CA ILE A 297 3.38 14.43 26.50
C ILE A 297 3.85 14.03 27.90
N ARG A 298 3.93 14.99 28.82
CA ARG A 298 4.40 14.73 30.20
C ARG A 298 3.19 14.58 31.12
N ALA A 299 3.20 13.55 31.96
CA ALA A 299 2.07 13.27 32.87
C ALA A 299 1.90 14.43 33.84
N VAL A 300 3.01 14.99 34.29
CA VAL A 300 2.90 16.08 35.31
C VAL A 300 2.17 17.27 34.70
N THR A 301 2.38 17.57 33.41
CA THR A 301 1.78 18.75 32.75
C THR A 301 0.28 18.52 32.57
N LEU A 302 -0.11 17.29 32.29
CA LEU A 302 -1.54 16.96 32.13
C LEU A 302 -2.25 17.18 33.47
N GLU A 303 -1.64 16.71 34.56
CA GLU A 303 -2.26 16.84 35.91
C GLU A 303 -2.34 18.31 36.30
N ASN A 304 -1.26 19.06 36.12
CA ASN A 304 -1.25 20.48 36.57
C ASN A 304 -2.30 21.29 35.79
N PHE A 305 -2.42 21.07 34.49
CA PHE A 305 -3.46 21.78 33.70
C PHE A 305 -4.84 21.38 34.23
N ALA A 306 -5.07 20.07 34.36
CA ALA A 306 -6.38 19.60 34.84
C ALA A 306 -6.67 20.22 36.21
N LYS A 307 -5.67 20.28 37.08
CA LYS A 307 -5.88 20.79 38.45
C LYS A 307 -6.07 22.31 38.45
N THR A 308 -5.25 23.03 37.69
CA THR A 308 -5.34 24.51 37.71
C THR A 308 -6.67 24.97 37.10
N PHE A 309 -7.23 24.24 36.14
CA PHE A 309 -8.40 24.74 35.39
C PHE A 309 -9.68 23.93 35.63
N ALA A 310 -9.70 23.01 36.60
CA ALA A 310 -10.91 22.23 36.91
C ALA A 310 -12.01 23.17 37.44
N THR A 311 -11.62 24.23 38.14
CA THR A 311 -12.58 25.22 38.67
C THR A 311 -13.22 25.97 37.50
N ALA A 312 -12.57 25.97 36.33
CA ALA A 312 -13.10 26.65 35.13
C ALA A 312 -13.83 25.64 34.26
N GLY A 313 -13.99 24.41 34.74
CA GLY A 313 -14.80 23.42 34.01
C GLY A 313 -14.01 22.54 33.08
N PHE A 314 -12.68 22.67 33.07
CA PHE A 314 -11.87 21.74 32.24
C PHE A 314 -11.88 20.31 32.79
N GLN A 315 -12.12 19.34 31.91
CA GLN A 315 -12.06 17.91 32.30
C GLN A 315 -10.82 17.26 31.65
N LYS A 316 -10.04 16.50 32.40
CA LYS A 316 -8.82 15.83 31.90
C LYS A 316 -9.22 14.77 30.86
N SER A 317 -10.48 14.36 30.84
CA SER A 317 -10.99 13.40 29.84
C SER A 317 -10.97 14.01 28.45
N ALA A 318 -10.92 15.34 28.37
CA ALA A 318 -10.86 16.06 27.08
C ALA A 318 -9.48 15.93 26.42
N PHE A 319 -8.43 15.67 27.22
CA PHE A 319 -7.06 15.50 26.67
C PHE A 319 -7.05 14.40 25.61
N TYR A 320 -6.55 14.72 24.41
CA TYR A 320 -6.44 13.74 23.30
C TYR A 320 -4.95 13.62 22.92
N PRO A 321 -4.16 12.69 23.50
CA PRO A 321 -2.76 12.53 23.08
C PRO A 321 -2.64 12.01 21.64
N CYS A 322 -1.74 12.61 20.88
CA CYS A 322 -1.61 12.26 19.45
C CYS A 322 -0.14 12.21 19.05
N TYR A 323 0.19 11.39 18.06
CA TYR A 323 1.57 11.32 17.53
C TYR A 323 1.55 11.33 16.02
N GLY A 324 2.56 11.97 15.43
CA GLY A 324 2.72 11.94 13.98
C GLY A 324 3.93 12.74 13.55
N MET A 325 4.19 12.76 12.25
CA MET A 325 5.30 13.55 11.68
C MET A 325 4.93 14.03 10.27
N ALA A 326 5.83 14.75 9.61
CA ALA A 326 5.59 15.24 8.24
C ALA A 326 5.65 14.10 7.23
N GLU A 327 6.49 13.09 7.48
CA GLU A 327 6.63 11.93 6.57
C GLU A 327 5.34 11.11 6.62
N THR A 328 4.52 11.31 7.66
CA THR A 328 3.21 10.61 7.76
C THR A 328 2.11 11.63 7.47
N THR A 329 2.44 12.73 6.78
CA THR A 329 1.48 13.82 6.50
C THR A 329 1.22 14.56 7.82
N LEU A 330 0.47 13.95 8.75
CA LEU A 330 0.30 14.59 10.08
C LEU A 330 0.10 13.56 11.20
N ILE A 331 -1.05 12.87 11.26
CA ILE A 331 -1.33 11.97 12.41
C ILE A 331 -1.10 10.48 12.12
N VAL A 332 -0.80 9.70 13.16
CA VAL A 332 -0.71 8.22 12.99
C VAL A 332 -1.54 7.63 14.12
N SER A 333 -1.30 8.13 15.34
CA SER A 333 -1.99 7.57 16.53
C SER A 333 -2.64 8.68 17.35
N GLY A 334 -3.72 8.36 18.06
CA GLY A 334 -4.41 9.35 18.91
C GLY A 334 -5.53 8.74 19.74
N GLY A 335 -5.89 9.37 20.86
CA GLY A 335 -7.03 8.90 21.67
C GLY A 335 -6.62 8.09 22.89
N ASN A 336 -7.52 7.99 23.88
CA ASN A 336 -7.23 7.19 25.10
C ASN A 336 -7.90 5.82 24.97
N GLY A 337 -8.40 5.50 23.77
CA GLY A 337 -9.12 4.24 23.55
C GLY A 337 -10.37 4.09 24.41
N ALA A 338 -10.56 2.91 25.02
CA ALA A 338 -11.76 2.65 25.85
C ALA A 338 -11.62 3.38 27.19
N ALA A 339 -10.49 4.03 27.42
CA ALA A 339 -10.27 4.79 28.66
C ALA A 339 -10.74 6.24 28.50
N GLN A 340 -11.16 6.86 29.61
CA GLN A 340 -11.60 8.29 29.56
C GLN A 340 -10.39 9.19 29.73
N LEU A 341 -9.40 8.78 30.53
CA LEU A 341 -8.23 9.63 30.82
C LEU A 341 -7.01 9.10 30.07
N PRO A 342 -6.09 9.97 29.57
CA PRO A 342 -4.86 9.52 28.92
C PRO A 342 -4.17 8.37 29.64
N GLN A 343 -3.99 7.22 28.96
CA GLN A 343 -3.36 6.02 29.57
C GLN A 343 -1.91 6.31 29.96
N GLU A 344 -1.56 5.99 31.20
CA GLU A 344 -0.19 6.23 31.72
C GLU A 344 0.33 4.91 32.29
N ILE A 345 1.59 4.60 32.04
CA ILE A 345 2.20 3.38 32.61
C ILE A 345 3.37 3.79 33.49
N ILE A 346 3.53 3.15 34.64
CA ILE A 346 4.70 3.41 35.53
C ILE A 346 5.64 2.22 35.31
N VAL A 347 6.81 2.47 34.74
CA VAL A 347 7.74 1.38 34.40
C VAL A 347 9.14 1.70 34.94
N SER A 348 10.07 0.76 34.78
CA SER A 348 11.46 0.92 35.29
C SER A 348 12.30 1.84 34.43
N LYS A 349 12.96 2.82 35.05
CA LYS A 349 13.86 3.76 34.32
C LYS A 349 14.99 2.98 33.66
N GLN A 350 15.70 2.14 34.43
CA GLN A 350 16.86 1.38 33.89
C GLN A 350 16.38 0.41 32.81
N GLY A 351 15.16 -0.10 32.94
CA GLY A 351 14.62 -0.97 31.88
C GLY A 351 14.53 -0.23 30.57
N ILE A 352 14.01 1.00 30.59
CA ILE A 352 13.88 1.85 29.36
C ILE A 352 15.27 2.07 28.77
N GLU A 353 16.24 2.39 29.61
CA GLU A 353 17.65 2.53 29.15
C GLU A 353 18.15 1.21 28.55
N ALA A 354 17.45 0.09 28.75
CA ALA A 354 17.85 -1.21 28.19
C ALA A 354 16.85 -1.71 27.14
N ASN A 355 16.06 -0.81 26.55
CA ASN A 355 15.10 -1.17 25.47
C ASN A 355 14.08 -2.17 25.98
N GLN A 356 13.72 -2.05 27.25
CA GLN A 356 12.78 -3.01 27.86
C GLN A 356 11.70 -2.25 28.61
N VAL A 357 10.47 -2.73 28.54
CA VAL A 357 9.37 -2.10 29.31
C VAL A 357 8.89 -3.12 30.33
N ARG A 358 9.19 -2.86 31.60
CA ARG A 358 8.87 -3.84 32.65
C ARG A 358 8.59 -3.10 33.94
N PRO A 359 7.87 -3.69 34.92
CA PRO A 359 7.73 -3.05 36.22
C PRO A 359 9.10 -2.91 36.89
N ALA A 360 9.18 -2.04 37.89
CA ALA A 360 10.47 -1.78 38.56
C ALA A 360 10.60 -2.64 39.82
N GLN A 361 11.64 -3.46 39.90
CA GLN A 361 11.92 -4.19 41.15
C GLN A 361 13.44 -4.26 41.30
N GLU A 364 15.56 -0.01 41.66
CA GLU A 364 15.17 0.49 40.31
C GLU A 364 14.17 1.63 40.48
N THR A 365 14.52 2.82 40.00
CA THR A 365 13.60 3.98 40.04
C THR A 365 12.50 3.80 38.99
N THR A 366 11.32 4.35 39.25
CA THR A 366 10.19 4.22 38.31
C THR A 366 10.03 5.47 37.44
N VAL A 367 9.57 5.30 36.21
CA VAL A 367 9.29 6.44 35.29
C VAL A 367 7.82 6.32 34.85
N THR A 368 7.16 7.45 34.61
CA THR A 368 5.74 7.45 34.16
C THR A 368 5.68 7.89 32.69
N LEU A 369 5.16 7.02 31.84
CA LEU A 369 5.11 7.31 30.40
C LEU A 369 3.66 7.51 30.00
N VAL A 370 3.39 8.56 29.23
CA VAL A 370 2.02 8.84 28.72
C VAL A 370 1.92 8.31 27.30
N GLY A 371 0.86 7.59 27.00
CA GLY A 371 0.63 7.07 25.64
C GLY A 371 0.35 8.16 24.64
N SER A 372 0.71 7.93 23.39
CA SER A 372 0.53 8.94 22.33
C SER A 372 -0.67 8.54 21.47
N GLY A 373 -1.47 7.60 21.98
CA GLY A 373 -2.71 7.23 21.29
C GLY A 373 -2.75 5.87 20.65
N GLU A 374 -3.91 5.50 20.11
CA GLU A 374 -4.05 4.21 19.40
C GLU A 374 -3.89 4.46 17.92
N VAL A 375 -3.28 3.53 17.21
CA VAL A 375 -3.05 3.70 15.75
C VAL A 375 -4.39 3.94 15.10
N ILE A 376 -4.56 5.11 14.51
CA ILE A 376 -5.86 5.49 13.92
C ILE A 376 -6.04 4.87 12.55
N GLY A 377 -7.08 4.07 12.38
CA GLY A 377 -7.47 3.62 11.04
C GLY A 377 -6.82 2.43 10.41
N ASP A 378 -6.70 2.47 9.09
CA ASP A 378 -6.18 1.33 8.30
C ASP A 378 -4.65 1.39 8.12
N GLN A 379 -3.96 2.12 8.98
CA GLN A 379 -2.47 2.12 8.92
C GLN A 379 -1.90 1.05 9.86
N ILE A 380 -0.65 0.64 9.66
CA ILE A 380 -0.02 -0.46 10.46
C ILE A 380 1.27 0.07 11.09
N VAL A 381 1.37 0.04 12.41
CA VAL A 381 2.60 0.45 13.12
C VAL A 381 3.31 -0.80 13.67
N LYS A 382 4.61 -0.90 13.43
CA LYS A 382 5.40 -2.04 13.96
C LYS A 382 6.59 -1.46 14.70
N ILE A 383 7.06 -2.14 15.73
CA ILE A 383 8.26 -1.71 16.51
C ILE A 383 9.44 -2.61 16.08
N VAL A 384 10.44 -2.06 15.40
CA VAL A 384 11.53 -2.85 14.79
C VAL A 384 12.89 -2.47 15.38
N ASP A 385 13.85 -3.40 15.36
CA ASP A 385 15.22 -3.13 15.85
C ASP A 385 15.96 -2.27 14.83
N PRO A 386 16.49 -1.08 15.20
CA PRO A 386 17.13 -0.19 14.24
C PRO A 386 18.28 -0.82 13.42
N GLN A 387 18.98 -1.79 13.98
CA GLN A 387 20.15 -2.39 13.27
C GLN A 387 19.77 -3.74 12.64
N ALA A 388 19.23 -4.68 13.42
CA ALA A 388 18.94 -6.03 12.91
C ALA A 388 17.72 -6.05 11.99
N LEU A 389 16.92 -4.97 12.01
CA LEU A 389 15.70 -4.89 11.18
C LEU A 389 14.86 -6.13 11.51
N THR A 390 14.71 -6.42 12.80
CA THR A 390 13.87 -7.53 13.27
C THR A 390 12.72 -6.94 14.09
N GLU A 391 11.54 -7.53 14.03
CA GLU A 391 10.38 -7.02 14.77
C GLU A 391 10.56 -7.29 16.26
N CYS A 392 10.53 -6.23 17.05
CA CYS A 392 10.68 -6.34 18.52
C CYS A 392 9.44 -7.02 19.10
N THR A 393 9.63 -7.84 20.13
CA THR A 393 8.51 -8.54 20.79
C THR A 393 7.89 -7.62 21.83
N VAL A 394 6.87 -8.11 22.51
CA VAL A 394 6.16 -7.29 23.53
C VAL A 394 7.15 -6.95 24.65
N GLY A 395 7.15 -5.70 25.10
CA GLY A 395 8.06 -5.26 26.16
C GLY A 395 9.40 -4.82 25.61
N GLU A 396 9.57 -4.94 24.30
CA GLU A 396 10.83 -4.46 23.69
C GLU A 396 10.64 -3.06 23.10
N ILE A 397 11.64 -2.19 23.30
CA ILE A 397 11.62 -0.83 22.72
C ILE A 397 12.40 -0.87 21.42
N GLY A 398 11.84 -0.32 20.35
CA GLY A 398 12.53 -0.23 19.06
C GLY A 398 12.06 0.95 18.22
N GLU A 399 12.45 0.98 16.95
CA GLU A 399 12.07 2.09 16.05
C GLU A 399 10.62 1.91 15.64
N VAL A 400 9.88 3.00 15.70
CA VAL A 400 8.47 2.96 15.23
C VAL A 400 8.48 2.95 13.71
N TRP A 401 7.81 1.97 13.12
CA TRP A 401 7.72 1.84 11.64
C TRP A 401 6.26 2.03 11.23
N VAL A 402 6.01 2.79 10.16
CA VAL A 402 4.61 3.12 9.77
C VAL A 402 4.35 2.76 8.31
N LYS A 403 3.36 1.91 8.07
CA LYS A 403 2.94 1.63 6.67
C LYS A 403 1.50 2.11 6.51
N GLY A 404 1.26 2.99 5.55
CA GLY A 404 -0.10 3.50 5.30
C GLY A 404 -0.22 4.46 4.13
N GLU A 405 -1.44 4.85 3.82
CA GLU A 405 -1.69 5.75 2.66
C GLU A 405 -1.39 7.21 3.04
N SER A 406 -1.23 7.50 4.32
CA SER A 406 -0.82 8.85 4.77
C SER A 406 0.70 8.97 4.79
N VAL A 407 1.42 7.95 4.34
CA VAL A 407 2.90 8.04 4.21
C VAL A 407 3.23 8.82 2.94
N ALA A 408 4.05 9.86 3.09
CA ALA A 408 4.48 10.69 1.94
C ALA A 408 5.20 9.91 0.86
N GLN A 409 5.39 10.52 -0.30
CA GLN A 409 5.98 9.83 -1.45
C GLN A 409 7.51 9.73 -1.33
N GLY A 410 8.11 10.46 -0.41
CA GLY A 410 9.56 10.44 -0.22
C GLY A 410 10.17 11.79 0.10
N TYR A 411 11.50 11.89 0.09
CA TYR A 411 12.17 13.19 0.31
C TYR A 411 12.54 13.81 -1.05
N TRP A 412 12.26 15.09 -1.20
CA TRP A 412 12.52 15.82 -2.48
C TRP A 412 14.00 15.78 -2.90
N GLN A 413 14.26 15.23 -4.07
CA GLN A 413 15.63 15.20 -4.66
C GLN A 413 16.64 14.54 -3.71
N LYS A 414 16.19 13.55 -2.96
CA LYS A 414 17.06 12.82 -1.99
C LYS A 414 16.81 11.34 -2.23
N PRO A 415 17.21 10.74 -3.38
CA PRO A 415 16.82 9.38 -3.70
C PRO A 415 17.34 8.30 -2.73
N ASP A 416 18.58 8.41 -2.30
CA ASP A 416 19.21 7.40 -1.41
C ASP A 416 18.53 7.39 -0.04
N LEU A 417 18.38 8.57 0.57
CA LEU A 417 17.66 8.67 1.86
C LEU A 417 16.21 8.17 1.72
N THR A 418 15.58 8.39 0.57
CA THR A 418 14.17 7.98 0.37
C THR A 418 14.07 6.46 0.43
N GLN A 419 14.95 5.74 -0.27
CA GLN A 419 14.95 4.25 -0.27
C GLN A 419 15.26 3.74 1.14
N GLN A 420 16.15 4.41 1.85
CA GLN A 420 16.51 4.02 3.23
C GLN A 420 15.34 4.19 4.21
N GLN A 421 14.68 5.35 4.18
CA GLN A 421 13.67 5.63 5.22
C GLN A 421 12.26 5.21 4.80
N PHE A 422 11.98 5.14 3.50
CA PHE A 422 10.59 4.86 3.03
C PHE A 422 10.46 3.48 2.44
N GLN A 423 11.58 2.76 2.37
CA GLN A 423 11.53 1.36 1.89
C GLN A 423 12.06 0.48 3.02
N GLY A 424 11.36 0.47 4.14
CA GLY A 424 11.76 -0.33 5.31
C GLY A 424 11.31 -1.76 5.22
N ASN A 425 12.29 -2.67 5.19
CA ASN A 425 11.98 -4.11 5.08
C ASN A 425 12.20 -4.80 6.43
N VAL A 426 11.21 -5.53 6.92
CA VAL A 426 11.34 -6.30 8.19
C VAL A 426 10.63 -7.63 8.02
N GLY A 427 11.35 -8.73 8.26
CA GLY A 427 10.79 -10.08 8.08
C GLY A 427 10.23 -10.26 6.70
N ALA A 428 8.95 -10.63 6.63
CA ALA A 428 8.28 -10.79 5.31
C ALA A 428 7.55 -9.51 4.93
N GLU A 429 7.87 -8.37 5.55
CA GLU A 429 7.14 -7.11 5.30
C GLU A 429 7.97 -6.11 4.50
N THR A 430 7.32 -5.30 3.65
CA THR A 430 8.00 -4.24 2.88
C THR A 430 7.21 -2.93 2.95
N GLY A 431 7.79 -1.83 2.47
CA GLY A 431 7.07 -0.55 2.34
C GLY A 431 6.86 0.23 3.61
N PHE A 432 7.71 0.02 4.61
CA PHE A 432 7.50 0.68 5.90
C PHE A 432 8.30 1.97 5.95
N LEU A 433 7.80 2.96 6.69
CA LEU A 433 8.57 4.21 6.84
C LEU A 433 9.30 4.17 8.19
N ARG A 434 10.60 4.41 8.16
CA ARG A 434 11.37 4.48 9.42
C ARG A 434 11.20 5.90 9.95
N THR A 435 10.54 6.03 11.10
CA THR A 435 10.24 7.38 11.65
C THR A 435 11.50 7.97 12.31
N GLY A 436 12.44 7.12 12.70
CA GLY A 436 13.62 7.62 13.44
C GLY A 436 13.23 7.87 14.88
N ASP A 437 12.01 7.44 15.24
CA ASP A 437 11.51 7.64 16.63
C ASP A 437 11.52 6.29 17.34
N LEU A 438 12.02 6.27 18.57
CA LEU A 438 12.02 5.02 19.37
C LEU A 438 10.72 4.98 20.16
N GLY A 439 10.19 3.79 20.40
CA GLY A 439 8.97 3.64 21.19
C GLY A 439 8.54 2.20 21.39
N PHE A 440 7.29 1.99 21.78
CA PHE A 440 6.81 0.62 22.06
C PHE A 440 5.28 0.54 22.04
N LEU A 441 4.76 -0.67 21.87
CA LEU A 441 3.29 -0.89 21.82
C LEU A 441 2.81 -1.53 23.12
N GLN A 442 1.86 -0.87 23.79
CA GLN A 442 1.32 -1.34 25.08
C GLN A 442 -0.15 -0.96 25.23
N GLY A 443 -1.02 -1.96 25.36
CA GLY A 443 -2.46 -1.71 25.59
C GLY A 443 -3.17 -1.26 24.34
N GLY A 444 -2.57 -1.45 23.17
CA GLY A 444 -3.15 -0.94 21.91
C GLY A 444 -2.76 0.49 21.74
N GLU A 445 -2.00 1.02 22.68
CA GLU A 445 -1.52 2.42 22.61
C GLU A 445 -0.05 2.44 22.21
N LEU A 446 0.34 3.46 21.48
CA LEU A 446 1.75 3.61 21.07
C LEU A 446 2.41 4.61 22.00
N TYR A 447 3.49 4.20 22.63
CA TYR A 447 4.26 5.12 23.50
C TYR A 447 5.49 5.55 22.71
N ILE A 448 6.01 6.75 22.97
CA ILE A 448 7.19 7.29 22.24
C ILE A 448 8.23 7.64 23.30
N THR A 449 9.44 7.14 23.13
CA THR A 449 10.51 7.34 24.11
C THR A 449 11.42 8.47 23.65
N GLY A 450 11.64 8.54 22.35
CA GLY A 450 12.44 9.65 21.83
C GLY A 450 12.94 9.46 20.43
N ARG A 451 13.94 10.25 20.05
CA ARG A 451 14.50 10.21 18.68
C ARG A 451 15.81 9.42 18.69
N LEU A 452 15.98 8.53 17.72
CA LEU A 452 17.19 7.67 17.61
C LEU A 452 18.42 8.53 17.39
N LYS A 453 18.35 9.47 16.47
CA LYS A 453 19.52 10.30 16.12
C LYS A 453 19.95 11.16 17.32
N ASP A 454 19.06 11.45 18.28
CA ASP A 454 19.47 12.23 19.47
C ASP A 454 19.87 11.33 20.65
N LEU A 455 19.66 10.02 20.55
CA LEU A 455 19.95 9.09 21.68
C LEU A 455 21.43 9.12 22.06
N LEU A 456 21.71 9.32 23.34
CA LEU A 456 23.09 9.39 23.87
C LEU A 456 23.49 8.01 24.42
N ILE A 457 24.55 7.42 23.88
CA ILE A 457 25.07 6.11 24.37
C ILE A 457 26.38 6.37 25.12
N ILE A 458 26.32 6.39 26.46
CA ILE A 458 27.53 6.62 27.30
C ILE A 458 27.70 5.45 28.27
N ARG A 459 28.90 4.90 28.38
CA ARG A 459 29.20 3.79 29.34
C ARG A 459 28.31 2.57 29.09
N GLY A 460 28.01 2.25 27.82
CA GLY A 460 27.24 1.03 27.51
C GLY A 460 25.75 1.15 27.82
N ARG A 461 25.30 2.32 28.27
CA ARG A 461 23.86 2.54 28.55
C ARG A 461 23.24 3.58 27.60
N ASN A 462 21.96 3.42 27.32
CA ASN A 462 21.21 4.36 26.47
C ASN A 462 20.62 5.46 27.36
N HIS A 463 20.87 6.72 27.03
CA HIS A 463 20.32 7.86 27.81
C HIS A 463 19.50 8.76 26.89
N TYR A 464 18.29 9.13 27.30
CA TYR A 464 17.41 9.99 26.47
C TYR A 464 17.73 11.44 26.78
N PRO A 465 18.04 12.29 25.75
CA PRO A 465 18.45 13.67 26.02
C PRO A 465 17.45 14.53 26.79
N GLN A 466 16.16 14.37 26.50
CA GLN A 466 15.12 15.20 27.16
C GLN A 466 15.04 14.86 28.64
N ASP A 467 15.23 13.59 29.00
CA ASP A 467 15.25 13.20 30.43
C ASP A 467 16.37 13.91 31.17
N ILE A 468 17.55 14.04 30.56
CA ILE A 468 18.69 14.75 31.21
C ILE A 468 18.44 16.25 31.20
N GLU A 469 17.95 16.80 30.10
CA GLU A 469 17.68 18.26 30.02
C GLU A 469 16.68 18.66 31.11
N LEU A 470 15.71 17.81 31.39
CA LEU A 470 14.67 18.11 32.42
C LEU A 470 15.31 18.18 33.80
N THR A 471 16.24 17.27 34.08
CA THR A 471 16.92 17.26 35.40
C THR A 471 17.75 18.52 35.61
N VAL A 472 18.50 18.92 34.60
CA VAL A 472 19.36 20.14 34.68
C VAL A 472 18.52 21.39 34.88
N GLU A 473 17.44 21.55 34.13
CA GLU A 473 16.67 22.84 34.19
C GLU A 473 16.18 23.14 35.60
N VAL A 474 15.85 22.12 36.37
CA VAL A 474 15.26 22.36 37.72
C VAL A 474 16.34 22.27 38.80
N ALA A 475 17.60 22.02 38.43
CA ALA A 475 18.70 21.86 39.42
C ALA A 475 19.02 23.19 40.11
N HIS A 476 18.99 24.27 39.34
CA HIS A 476 19.27 25.61 39.91
C HIS A 476 18.26 26.59 39.35
N PRO A 477 17.84 27.65 40.09
CA PRO A 477 16.92 28.64 39.54
C PRO A 477 17.52 29.55 38.47
N ALA A 478 18.84 29.51 38.28
CA ALA A 478 19.52 30.41 37.33
C ALA A 478 19.48 29.84 35.93
N LEU A 479 18.83 28.71 35.77
CA LEU A 479 18.80 28.03 34.45
C LEU A 479 17.43 28.23 33.81
N ARG A 480 17.41 28.64 32.54
CA ARG A 480 16.14 28.88 31.81
C ARG A 480 15.57 27.55 31.34
N GLN A 481 14.33 27.27 31.71
CA GLN A 481 13.71 25.98 31.36
C GLN A 481 13.42 25.96 29.86
N GLY A 482 13.52 24.79 29.24
CA GLY A 482 13.24 24.66 27.81
C GLY A 482 14.41 25.11 26.94
N ALA A 483 15.50 25.55 27.56
CA ALA A 483 16.62 26.09 26.75
C ALA A 483 17.92 25.36 27.07
N GLY A 484 17.92 24.04 26.97
CA GLY A 484 19.10 23.22 27.30
C GLY A 484 19.27 22.04 26.38
N ALA A 485 20.49 21.54 26.24
CA ALA A 485 20.77 20.37 25.36
C ALA A 485 21.76 19.39 26.01
N ALA A 486 21.48 18.11 25.91
CA ALA A 486 22.40 17.07 26.41
C ALA A 486 23.00 16.37 25.20
N VAL A 487 24.30 16.50 25.02
CA VAL A 487 24.96 15.93 23.81
C VAL A 487 26.09 14.98 24.23
N SER A 488 26.48 14.08 23.32
CA SER A 488 27.64 13.20 23.59
C SER A 488 28.83 13.67 22.74
N VAL A 489 29.97 13.95 23.37
CA VAL A 489 31.21 14.31 22.63
C VAL A 489 32.25 13.20 22.81
N ASP A 490 33.11 13.06 21.83
CA ASP A 490 34.11 11.96 21.88
C ASP A 490 35.35 12.44 22.62
N VAL A 491 35.68 11.80 23.74
CA VAL A 491 36.93 12.13 24.48
C VAL A 491 37.83 10.90 24.41
N ASN A 492 38.88 10.95 23.60
CA ASN A 492 39.87 9.84 23.49
C ASN A 492 39.18 8.55 23.04
N GLY A 493 38.23 8.64 22.10
CA GLY A 493 37.59 7.44 21.53
C GLY A 493 36.40 6.94 22.35
N GLU A 494 36.14 7.58 23.48
CA GLU A 494 34.96 7.18 24.31
C GLU A 494 33.93 8.33 24.39
N GLU A 495 32.65 7.99 24.30
CA GLU A 495 31.57 9.01 24.33
C GLU A 495 31.39 9.54 25.74
N GLN A 496 31.24 10.86 25.88
CA GLN A 496 31.04 11.51 27.20
C GLN A 496 29.87 12.50 27.12
N LEU A 497 29.38 13.00 28.25
CA LEU A 497 28.21 13.91 28.27
C LEU A 497 28.62 15.38 28.31
N VAL A 498 28.03 16.20 27.45
CA VAL A 498 28.27 17.67 27.52
C VAL A 498 26.91 18.35 27.66
N ILE A 499 26.81 19.30 28.59
CA ILE A 499 25.53 20.01 28.83
C ILE A 499 25.65 21.45 28.34
N VAL A 500 24.82 21.86 27.39
CA VAL A 500 24.75 23.28 26.93
C VAL A 500 23.44 23.84 27.49
N GLN A 501 23.52 24.73 28.48
CA GLN A 501 22.31 25.25 29.15
C GLN A 501 22.28 26.78 29.15
N GLU A 502 21.09 27.35 28.98
CA GLU A 502 20.94 28.82 29.00
C GLU A 502 20.75 29.30 30.42
N VAL A 503 21.42 30.37 30.79
CA VAL A 503 21.23 31.00 32.13
C VAL A 503 20.13 32.06 32.01
N GLU A 504 19.48 32.36 33.12
CA GLU A 504 18.37 33.36 33.13
C GLU A 504 18.98 34.77 33.01
N ARG A 505 18.26 35.69 32.37
CA ARG A 505 18.76 37.06 32.12
C ARG A 505 19.05 37.73 33.46
N LYS A 506 18.18 37.50 34.44
CA LYS A 506 18.36 38.10 35.79
C LYS A 506 19.61 37.53 36.49
N TYR A 507 19.97 36.28 36.21
CA TYR A 507 21.10 35.63 36.92
C TYR A 507 22.41 35.69 36.12
N ALA A 508 22.38 36.24 34.91
CA ALA A 508 23.60 36.27 34.05
C ALA A 508 24.75 37.02 34.71
N ARG A 509 24.52 38.25 35.18
CA ARG A 509 25.62 39.09 35.73
C ARG A 509 26.21 38.49 37.00
N LYS A 510 25.36 37.98 37.90
CA LYS A 510 25.83 37.44 39.19
C LYS A 510 25.77 35.91 39.16
N LEU A 511 26.48 35.28 38.22
CA LEU A 511 26.39 33.80 38.08
C LEU A 511 27.58 33.11 38.73
N ASN A 512 27.31 32.20 39.66
CA ASN A 512 28.40 31.41 40.28
C ASN A 512 28.56 30.13 39.44
N VAL A 513 29.46 30.15 38.46
CA VAL A 513 29.61 28.99 37.54
C VAL A 513 29.79 27.71 38.36
N ALA A 514 30.72 27.70 39.30
CA ALA A 514 31.04 26.49 40.08
C ALA A 514 29.83 26.00 40.87
N ALA A 515 29.17 26.89 41.60
CA ALA A 515 27.98 26.52 42.39
C ALA A 515 26.87 25.92 41.54
N VAL A 516 26.53 26.52 40.41
CA VAL A 516 25.42 26.01 39.56
C VAL A 516 25.88 24.74 38.85
N ALA A 517 27.14 24.65 38.46
CA ALA A 517 27.67 23.43 37.84
C ALA A 517 27.60 22.25 38.82
N GLN A 518 27.84 22.50 40.12
CA GLN A 518 27.81 21.43 41.13
C GLN A 518 26.36 20.98 41.34
N ALA A 519 25.45 21.94 41.33
CA ALA A 519 24.01 21.62 41.41
C ALA A 519 23.64 20.74 40.22
N ILE A 520 24.22 21.02 39.06
CA ILE A 520 23.92 20.22 37.83
C ILE A 520 24.54 18.83 37.95
N ARG A 521 25.80 18.75 38.38
CA ARG A 521 26.51 17.45 38.46
C ARG A 521 25.79 16.56 39.49
N GLY A 522 25.33 17.16 40.58
CA GLY A 522 24.63 16.39 41.63
C GLY A 522 23.33 15.80 41.14
N ALA A 523 22.55 16.57 40.42
CA ALA A 523 21.25 16.07 39.92
C ALA A 523 21.47 14.98 38.86
N ILE A 524 22.35 15.19 37.90
CA ILE A 524 22.53 14.19 36.82
C ILE A 524 23.05 12.88 37.43
N ALA A 525 23.86 12.95 38.46
CA ALA A 525 24.42 11.72 39.06
C ALA A 525 23.33 10.94 39.79
N ALA A 526 22.49 11.62 40.54
CA ALA A 526 21.38 10.95 41.26
C ALA A 526 20.43 10.31 40.27
N GLU A 527 19.89 11.06 39.30
CA GLU A 527 18.85 10.52 38.40
C GLU A 527 19.42 9.67 37.26
N HIS A 528 20.61 9.98 36.75
CA HIS A 528 21.12 9.29 35.54
C HIS A 528 22.43 8.52 35.76
N GLN A 529 23.04 8.64 36.93
CA GLN A 529 24.33 7.95 37.22
C GLN A 529 25.32 8.35 36.12
N LEU A 530 25.42 9.65 35.87
CA LEU A 530 26.27 10.13 34.76
C LEU A 530 27.08 11.30 35.29
N GLN A 531 28.32 11.41 34.82
CA GLN A 531 29.19 12.52 35.23
C GLN A 531 29.42 13.38 34.00
N PRO A 532 28.94 14.64 33.93
CA PRO A 532 29.23 15.51 32.79
C PRO A 532 30.71 15.83 32.58
N GLN A 533 31.20 15.60 31.37
CA GLN A 533 32.59 15.99 31.02
C GLN A 533 32.67 17.52 31.05
N ALA A 534 31.61 18.20 30.57
CA ALA A 534 31.61 19.68 30.52
C ALA A 534 30.20 20.28 30.65
N ILE A 535 30.10 21.49 31.21
CA ILE A 535 28.83 22.23 31.29
C ILE A 535 29.10 23.62 30.72
N CYS A 536 28.47 23.94 29.60
CA CYS A 536 28.62 25.27 28.97
C CYS A 536 27.37 26.11 29.25
N PHE A 537 27.54 27.18 30.02
CA PHE A 537 26.42 28.09 30.33
C PHE A 537 26.34 29.13 29.20
N ILE A 538 25.16 29.25 28.59
CA ILE A 538 25.03 30.15 27.42
C ILE A 538 24.07 31.32 27.68
N LYS A 539 24.23 32.40 26.92
CA LYS A 539 23.43 33.64 27.10
C LYS A 539 21.95 33.37 26.80
N PRO A 540 21.01 34.08 27.46
CA PRO A 540 19.59 33.88 27.21
C PRO A 540 19.20 34.10 25.73
N GLY A 541 18.53 33.12 25.13
CA GLY A 541 18.08 33.22 23.72
C GLY A 541 19.10 32.79 22.70
N SER A 542 20.28 32.32 23.13
CA SER A 542 21.38 32.02 22.19
C SER A 542 21.39 30.57 21.71
N ILE A 543 20.54 29.71 22.27
CA ILE A 543 20.62 28.27 21.93
C ILE A 543 20.24 28.04 20.47
N PRO A 544 21.01 27.23 19.69
CA PRO A 544 20.59 26.86 18.34
C PRO A 544 19.18 26.28 18.42
N LYS A 545 18.23 26.94 17.77
CA LYS A 545 16.80 26.51 17.81
C LYS A 545 16.29 26.47 16.37
N THR A 546 15.20 25.76 16.11
CA THR A 546 14.56 25.78 14.77
C THR A 546 13.68 27.04 14.67
N SER A 547 13.05 27.27 13.51
CA SER A 547 12.12 28.42 13.41
C SER A 547 10.93 28.14 14.34
N SER A 548 10.56 26.86 14.50
CA SER A 548 9.48 26.49 15.44
C SER A 548 9.90 26.80 16.87
N GLY A 549 11.18 26.59 17.21
CA GLY A 549 11.65 26.81 18.59
C GLY A 549 12.26 25.53 19.12
N LYS A 550 12.11 24.43 18.38
CA LYS A 550 12.68 23.13 18.77
C LYS A 550 14.20 23.23 18.83
N ILE A 551 14.81 22.77 19.92
CA ILE A 551 16.28 22.85 20.09
C ILE A 551 17.00 21.96 19.08
N ARG A 552 18.05 22.50 18.47
CA ARG A 552 18.90 21.69 17.54
C ARG A 552 20.11 21.19 18.35
N ARG A 553 19.98 20.03 19.00
CA ARG A 553 21.05 19.46 19.88
C ARG A 553 22.35 19.25 19.13
N HIS A 554 22.29 18.75 17.91
CA HIS A 554 23.51 18.55 17.08
C HIS A 554 24.26 19.87 16.85
N ALA A 555 23.56 21.00 16.73
CA ALA A 555 24.22 22.29 16.43
C ALA A 555 24.76 22.85 17.73
N CYS A 556 24.21 22.40 18.85
CA CYS A 556 24.77 22.81 20.17
C CYS A 556 26.13 22.11 20.35
N LYS A 557 26.25 20.86 19.90
CA LYS A 557 27.52 20.09 20.00
C LYS A 557 28.51 20.64 18.99
N ALA A 558 28.04 21.00 17.80
CA ALA A 558 28.92 21.65 16.80
C ALA A 558 29.48 22.95 17.37
N GLY A 559 28.63 23.78 17.95
CA GLY A 559 29.06 25.08 18.52
C GLY A 559 29.96 24.93 19.73
N PHE A 560 29.73 23.93 20.57
CA PHE A 560 30.63 23.68 21.73
C PHE A 560 32.00 23.29 21.19
N LEU A 561 32.03 22.44 20.17
CA LEU A 561 33.31 21.94 19.60
C LEU A 561 34.02 23.01 18.76
N ASP A 562 33.30 24.00 18.23
CA ASP A 562 33.91 25.10 17.42
C ASP A 562 33.96 26.43 18.17
N GLY A 563 33.44 26.52 19.38
CA GLY A 563 33.46 27.79 20.15
C GLY A 563 32.57 28.88 19.58
N SER A 564 31.42 28.55 19.00
CA SER A 564 30.51 29.55 18.36
C SER A 564 29.37 29.94 19.30
N LEU A 565 29.37 29.47 20.53
CA LEU A 565 28.22 29.73 21.43
C LEU A 565 28.41 31.04 22.19
N ALA A 566 27.33 31.61 22.71
CA ALA A 566 27.40 32.85 23.51
C ALA A 566 27.72 32.47 24.94
N VAL A 567 28.97 32.06 25.20
CA VAL A 567 29.36 31.51 26.54
C VAL A 567 29.41 32.57 27.64
N VAL A 568 28.57 32.43 28.67
CA VAL A 568 28.66 33.36 29.85
C VAL A 568 29.32 32.62 31.01
N GLY A 569 29.72 31.35 30.80
CA GLY A 569 30.33 30.55 31.89
C GLY A 569 30.66 29.14 31.42
N GLU A 570 31.73 28.54 31.97
CA GLU A 570 32.17 27.19 31.52
C GLU A 570 32.74 26.35 32.67
N TRP A 571 32.42 25.05 32.70
CA TRP A 571 32.99 24.12 33.72
C TRP A 571 33.55 22.91 32.99
N GLN A 572 34.75 22.48 33.38
CA GLN A 572 35.38 21.26 32.79
C GLN A 572 36.37 20.70 33.82
N VAL B 4 9.00 -18.59 11.41
CA VAL B 4 8.26 -19.41 10.41
C VAL B 4 7.91 -18.55 9.21
N GLY B 5 7.25 -17.41 9.44
CA GLY B 5 6.82 -16.53 8.33
C GLY B 5 7.57 -15.20 8.35
N GLN B 6 8.85 -15.22 8.73
CA GLN B 6 9.68 -13.99 8.71
C GLN B 6 10.58 -14.04 7.48
N PHE B 7 10.30 -14.97 6.57
CA PHE B 7 11.12 -15.12 5.33
C PHE B 7 10.75 -14.03 4.32
N ALA B 8 11.73 -13.22 3.92
CA ALA B 8 11.52 -12.12 2.96
C ALA B 8 11.39 -12.64 1.52
N ASN B 9 11.81 -13.88 1.27
CA ASN B 9 11.82 -14.39 -0.12
C ASN B 9 11.85 -15.92 -0.12
N PHE B 10 11.64 -16.54 -1.27
CA PHE B 10 11.58 -18.02 -1.39
C PHE B 10 12.96 -18.69 -1.34
N VAL B 11 14.04 -17.98 -1.67
CA VAL B 11 15.42 -18.56 -1.57
C VAL B 11 15.74 -18.80 -0.10
N ASP B 12 15.57 -17.78 0.73
CA ASP B 12 15.80 -17.95 2.18
C ASP B 12 14.88 -19.06 2.72
N LEU B 13 13.65 -19.13 2.24
CA LEU B 13 12.69 -20.13 2.76
C LEU B 13 13.11 -21.55 2.39
N LEU B 14 13.48 -21.81 1.13
CA LEU B 14 13.81 -23.18 0.71
C LEU B 14 15.09 -23.62 1.42
N GLN B 15 16.01 -22.68 1.65
CA GLN B 15 17.29 -23.00 2.33
C GLN B 15 17.01 -23.43 3.77
N TYR B 16 16.06 -22.81 4.45
CA TYR B 16 15.67 -23.18 5.83
C TYR B 16 15.03 -24.57 5.83
N ARG B 17 14.14 -24.82 4.89
CA ARG B 17 13.47 -26.14 4.78
C ARG B 17 14.50 -27.21 4.43
N ALA B 18 15.57 -26.83 3.76
CA ALA B 18 16.64 -27.79 3.42
C ALA B 18 17.39 -28.19 4.69
N LYS B 19 17.49 -27.31 5.68
CA LYS B 19 18.14 -27.68 6.96
C LYS B 19 17.17 -28.49 7.82
N LEU B 20 15.97 -27.95 8.07
CA LEU B 20 14.97 -28.58 8.97
C LEU B 20 14.44 -29.93 8.46
N GLN B 21 14.12 -30.05 7.18
CA GLN B 21 13.47 -31.28 6.65
C GLN B 21 14.21 -31.75 5.39
N ALA B 22 15.53 -31.84 5.47
CA ALA B 22 16.36 -32.20 4.30
C ALA B 22 15.93 -33.50 3.63
N ARG B 23 15.62 -34.52 4.42
CA ARG B 23 15.33 -35.85 3.83
C ARG B 23 13.84 -36.03 3.55
N LYS B 24 13.01 -35.08 3.96
CA LYS B 24 11.57 -35.13 3.60
C LYS B 24 11.43 -34.86 2.11
N THR B 25 10.65 -35.68 1.40
CA THR B 25 10.39 -35.49 -0.06
C THR B 25 9.54 -34.24 -0.33
N VAL B 26 10.05 -33.26 -1.08
CA VAL B 26 9.23 -32.06 -1.44
C VAL B 26 8.29 -32.44 -2.57
N PHE B 27 8.83 -33.07 -3.61
CA PHE B 27 8.00 -33.40 -4.78
C PHE B 27 8.27 -34.82 -5.27
N SER B 28 7.21 -35.55 -5.62
CA SER B 28 7.39 -36.86 -6.26
C SER B 28 6.62 -36.77 -7.58
N PHE B 29 7.24 -37.19 -8.66
CA PHE B 29 6.60 -36.99 -9.98
C PHE B 29 6.23 -38.33 -10.58
N LEU B 30 5.01 -38.41 -11.08
CA LEU B 30 4.55 -39.63 -11.76
C LEU B 30 4.47 -39.24 -13.23
N ALA B 31 5.32 -39.78 -14.08
CA ALA B 31 5.36 -39.35 -15.48
C ALA B 31 4.11 -39.74 -16.24
N ASP B 32 3.42 -40.77 -15.79
CA ASP B 32 2.22 -41.27 -16.50
C ASP B 32 0.98 -41.09 -15.63
N GLY B 33 1.13 -40.42 -14.49
CA GLY B 33 0.02 -40.24 -13.54
C GLY B 33 -0.22 -41.46 -12.67
N GLU B 34 0.64 -42.49 -12.76
CA GLU B 34 0.44 -43.76 -12.01
C GLU B 34 1.70 -44.15 -11.18
N ALA B 35 2.71 -44.70 -11.84
CA ALA B 35 3.94 -45.10 -11.14
C ALA B 35 4.87 -43.91 -10.89
N GLU B 36 5.58 -43.91 -9.76
CA GLU B 36 6.55 -42.85 -9.44
C GLU B 36 7.74 -42.94 -10.40
N SER B 37 8.22 -41.79 -10.91
CA SER B 37 9.31 -41.77 -11.91
C SER B 37 10.51 -41.00 -11.38
N ALA B 38 10.27 -39.92 -10.66
CA ALA B 38 11.38 -39.18 -10.04
C ALA B 38 10.89 -38.52 -8.77
N ALA B 39 11.83 -38.04 -7.96
CA ALA B 39 11.48 -37.44 -6.68
C ALA B 39 12.65 -36.60 -6.23
N LEU B 40 12.39 -35.65 -5.36
CA LEU B 40 13.44 -34.76 -4.85
C LEU B 40 13.10 -34.46 -3.41
N THR B 41 14.10 -34.39 -2.56
CA THR B 41 13.87 -33.99 -1.16
C THR B 41 14.11 -32.49 -1.06
N TYR B 42 13.83 -31.91 0.10
CA TYR B 42 14.08 -30.48 0.33
C TYR B 42 15.57 -30.18 0.19
N GLY B 43 16.43 -31.08 0.67
CA GLY B 43 17.88 -30.87 0.55
C GLY B 43 18.34 -30.92 -0.88
N GLU B 44 17.83 -31.87 -1.65
CA GLU B 44 18.22 -32.06 -3.05
C GLU B 44 17.72 -30.89 -3.94
N LEU B 45 16.50 -30.41 -3.74
CA LEU B 45 15.97 -29.28 -4.52
C LEU B 45 16.88 -28.07 -4.33
N ASP B 46 17.19 -27.73 -3.08
CA ASP B 46 18.11 -26.61 -2.76
C ASP B 46 19.44 -26.82 -3.48
N GLN B 47 20.01 -28.03 -3.39
CA GLN B 47 21.31 -28.32 -4.04
C GLN B 47 21.16 -28.18 -5.56
N LYS B 48 20.09 -28.71 -6.12
CA LYS B 48 19.84 -28.56 -7.57
C LYS B 48 19.74 -27.07 -7.92
N ALA B 49 19.10 -26.29 -7.06
CA ALA B 49 18.87 -24.86 -7.35
C ALA B 49 20.18 -24.10 -7.32
N GLN B 50 21.01 -24.35 -6.31
CA GLN B 50 22.31 -23.66 -6.18
C GLN B 50 23.16 -23.96 -7.41
N ALA B 51 23.11 -25.20 -7.90
CA ALA B 51 23.94 -25.60 -9.05
C ALA B 51 23.44 -24.95 -10.34
N ILE B 52 22.14 -25.03 -10.60
CA ILE B 52 21.57 -24.36 -11.80
C ILE B 52 21.80 -22.86 -11.65
N ALA B 53 21.66 -22.34 -10.43
CA ALA B 53 21.96 -20.92 -10.16
C ALA B 53 23.39 -20.55 -10.57
N ALA B 54 24.40 -21.32 -10.15
CA ALA B 54 25.80 -21.02 -10.50
C ALA B 54 26.02 -21.14 -12.01
N PHE B 55 25.43 -22.15 -12.64
CA PHE B 55 25.53 -22.30 -14.11
C PHE B 55 24.93 -21.07 -14.81
N LEU B 56 23.81 -20.57 -14.29
CA LEU B 56 23.15 -19.36 -14.87
C LEU B 56 24.02 -18.13 -14.65
N GLN B 57 24.55 -17.95 -13.44
CA GLN B 57 25.37 -16.76 -13.12
C GLN B 57 26.65 -16.76 -13.95
N ALA B 58 27.25 -17.93 -14.18
CA ALA B 58 28.49 -18.03 -14.96
C ALA B 58 28.19 -17.79 -16.44
N ASN B 59 26.96 -18.07 -16.88
CA ASN B 59 26.56 -17.87 -18.29
C ASN B 59 26.02 -16.47 -18.49
N GLN B 60 26.18 -15.57 -17.50
CA GLN B 60 25.79 -14.14 -17.61
C GLN B 60 24.28 -13.90 -17.76
N ALA B 61 23.45 -14.62 -17.01
CA ALA B 61 21.98 -14.50 -17.14
C ALA B 61 21.40 -13.63 -16.04
N GLN B 62 22.20 -13.21 -15.07
CA GLN B 62 21.70 -12.42 -13.92
C GLN B 62 21.20 -11.05 -14.39
N GLY B 63 19.97 -10.69 -14.00
CA GLY B 63 19.39 -9.40 -14.41
C GLY B 63 18.71 -9.53 -15.75
N GLN B 64 18.90 -10.65 -16.43
CA GLN B 64 18.30 -10.89 -17.75
C GLN B 64 17.03 -11.72 -17.62
N ARG B 65 16.36 -11.97 -18.73
CA ARG B 65 15.13 -12.77 -18.75
C ARG B 65 15.43 -14.10 -19.41
N ALA B 66 14.89 -15.18 -18.85
CA ALA B 66 15.12 -16.54 -19.40
C ALA B 66 13.81 -17.29 -19.58
N LEU B 67 13.55 -17.76 -20.79
CA LEU B 67 12.37 -18.58 -21.09
C LEU B 67 12.61 -19.99 -20.54
N LEU B 68 11.67 -20.52 -19.78
CA LEU B 68 11.81 -21.90 -19.27
C LEU B 68 11.05 -22.81 -20.20
N LEU B 69 11.75 -23.65 -20.95
CA LEU B 69 11.12 -24.53 -21.96
C LEU B 69 11.34 -25.99 -21.54
N TYR B 70 10.52 -26.46 -20.62
CA TYR B 70 10.67 -27.82 -20.08
C TYR B 70 9.34 -28.55 -20.11
N PRO B 71 9.34 -29.90 -20.14
CA PRO B 71 8.09 -30.63 -20.04
C PRO B 71 7.65 -30.58 -18.57
N PRO B 72 6.40 -30.97 -18.23
CA PRO B 72 6.03 -31.05 -16.82
C PRO B 72 6.98 -32.07 -16.17
N GLY B 73 7.66 -31.67 -15.11
CA GLY B 73 8.64 -32.52 -14.42
C GLY B 73 9.46 -31.74 -13.39
N LEU B 74 10.50 -32.37 -12.83
CA LEU B 74 11.33 -31.77 -11.75
C LEU B 74 12.43 -30.90 -12.34
N GLU B 75 12.75 -31.09 -13.62
CA GLU B 75 13.73 -30.21 -14.29
C GLU B 75 13.20 -28.78 -14.36
N PHE B 76 11.90 -28.61 -14.63
CA PHE B 76 11.29 -27.25 -14.70
C PHE B 76 11.38 -26.59 -13.34
N ILE B 77 11.01 -27.31 -12.29
CA ILE B 77 11.01 -26.76 -10.91
C ILE B 77 12.42 -26.29 -10.54
N GLY B 78 13.43 -27.11 -10.81
CA GLY B 78 14.82 -26.76 -10.48
C GLY B 78 15.30 -25.54 -11.23
N ALA B 79 14.96 -25.43 -12.51
CA ALA B 79 15.30 -24.22 -13.29
C ALA B 79 14.58 -22.97 -12.76
N PHE B 80 13.34 -23.09 -12.32
CA PHE B 80 12.60 -21.94 -11.75
C PHE B 80 13.27 -21.46 -10.47
N LEU B 81 13.47 -22.36 -9.51
CA LEU B 81 14.09 -21.98 -8.23
C LEU B 81 15.56 -21.62 -8.48
N GLY B 82 16.17 -22.20 -9.50
CA GLY B 82 17.53 -21.81 -9.89
C GLY B 82 17.56 -20.37 -10.37
N CYS B 83 16.55 -19.96 -11.13
CA CYS B 83 16.46 -18.55 -11.63
C CYS B 83 16.30 -17.62 -10.43
N LEU B 84 15.53 -18.03 -9.42
CA LEU B 84 15.31 -17.20 -8.20
C LEU B 84 16.59 -17.14 -7.36
N TYR B 85 17.26 -18.27 -7.19
CA TYR B 85 18.55 -18.28 -6.47
C TYR B 85 19.55 -17.40 -7.23
N ALA B 86 19.53 -17.43 -8.55
CA ALA B 86 20.52 -16.70 -9.35
C ALA B 86 20.20 -15.22 -9.58
N GLY B 87 18.94 -14.79 -9.41
CA GLY B 87 18.61 -13.40 -9.79
C GLY B 87 18.29 -13.32 -11.26
N VAL B 88 17.99 -14.45 -11.88
CA VAL B 88 17.53 -14.46 -13.28
C VAL B 88 15.99 -14.30 -13.31
N VAL B 89 15.49 -13.30 -14.03
CA VAL B 89 14.02 -13.09 -14.17
C VAL B 89 13.50 -14.20 -15.05
N ALA B 90 12.77 -15.14 -14.46
CA ALA B 90 12.32 -16.31 -15.22
C ALA B 90 11.04 -15.98 -15.99
N VAL B 91 10.91 -16.60 -17.14
CA VAL B 91 9.72 -16.38 -17.99
C VAL B 91 9.21 -17.79 -18.32
N PRO B 92 8.39 -18.42 -17.43
CA PRO B 92 7.84 -19.71 -17.72
C PRO B 92 6.94 -19.69 -18.97
N ALA B 93 7.04 -20.74 -19.78
CA ALA B 93 6.24 -20.80 -21.01
C ALA B 93 6.01 -22.25 -21.41
N TYR B 94 4.92 -22.50 -22.13
CA TYR B 94 4.65 -23.86 -22.64
C TYR B 94 5.77 -24.25 -23.60
N PRO B 95 6.33 -25.46 -23.49
CA PRO B 95 7.41 -25.91 -24.34
C PRO B 95 6.99 -25.99 -25.81
N PRO B 96 7.90 -25.74 -26.78
CA PRO B 96 7.56 -25.88 -28.19
C PRO B 96 6.92 -27.24 -28.45
N ARG B 97 5.91 -27.27 -29.31
CA ARG B 97 5.18 -28.53 -29.55
C ARG B 97 5.69 -29.18 -30.84
N PRO B 98 5.80 -30.51 -30.89
CA PRO B 98 6.21 -31.21 -32.10
C PRO B 98 5.40 -30.80 -33.34
N ASN B 99 6.09 -30.45 -34.43
CA ASN B 99 5.41 -30.06 -35.70
C ASN B 99 4.44 -28.90 -35.47
N LYS B 100 4.79 -27.93 -34.63
CA LYS B 100 3.94 -26.72 -34.44
C LYS B 100 4.80 -25.46 -34.56
N SER B 101 4.19 -24.32 -34.88
CA SER B 101 4.94 -23.05 -35.09
C SER B 101 5.49 -22.50 -33.77
N PHE B 102 6.59 -21.76 -33.83
CA PHE B 102 7.18 -21.11 -32.63
C PHE B 102 6.67 -19.66 -32.57
N ASP B 103 5.54 -19.38 -33.22
CA ASP B 103 5.04 -17.98 -33.30
C ASP B 103 4.78 -17.42 -31.90
N ARG B 104 4.15 -18.22 -31.04
CA ARG B 104 3.80 -17.73 -29.68
C ARG B 104 5.06 -17.61 -28.82
N LEU B 105 6.03 -18.51 -29.01
CA LEU B 105 7.30 -18.46 -28.25
C LEU B 105 8.09 -17.22 -28.70
N HIS B 106 8.15 -16.98 -30.00
CA HIS B 106 8.88 -15.80 -30.53
C HIS B 106 8.34 -14.53 -29.90
N SER B 107 7.02 -14.45 -29.75
CA SER B 107 6.36 -13.24 -29.21
C SER B 107 6.72 -13.00 -27.74
N ILE B 108 6.78 -14.06 -26.94
CA ILE B 108 7.18 -13.92 -25.52
C ILE B 108 8.64 -13.45 -25.45
N ILE B 109 9.52 -14.08 -26.22
CA ILE B 109 10.97 -13.67 -26.24
C ILE B 109 11.06 -12.22 -26.68
N GLN B 110 10.33 -11.87 -27.74
CA GLN B 110 10.32 -10.46 -28.17
C GLN B 110 9.74 -9.57 -27.07
N ASP B 111 8.71 -10.00 -26.34
CA ASP B 111 8.06 -9.10 -25.34
C ASP B 111 8.96 -8.97 -24.10
N ALA B 112 9.47 -10.08 -23.60
CA ALA B 112 10.36 -10.09 -22.41
C ALA B 112 11.74 -9.54 -22.76
N GLN B 113 12.10 -9.46 -24.04
CA GLN B 113 13.48 -9.06 -24.44
C GLN B 113 14.44 -10.00 -23.71
N ALA B 114 14.28 -11.30 -23.98
CA ALA B 114 15.05 -12.34 -23.27
C ALA B 114 16.27 -12.76 -24.08
N LYS B 115 17.41 -12.85 -23.42
CA LYS B 115 18.67 -13.26 -24.09
C LYS B 115 18.89 -14.75 -23.90
N PHE B 116 18.01 -15.41 -23.16
CA PHE B 116 18.27 -16.83 -22.80
C PHE B 116 17.03 -17.71 -22.79
N ALA B 117 17.23 -18.99 -23.11
CA ALA B 117 16.14 -19.98 -23.03
C ALA B 117 16.71 -21.21 -22.31
N LEU B 118 16.15 -21.54 -21.15
CA LEU B 118 16.59 -22.70 -20.35
C LEU B 118 15.73 -23.89 -20.73
N THR B 119 16.35 -24.99 -21.12
CA THR B 119 15.59 -26.16 -21.62
C THR B 119 16.27 -27.48 -21.23
N THR B 120 15.76 -28.59 -21.75
CA THR B 120 16.37 -29.92 -21.50
C THR B 120 17.39 -30.20 -22.61
N THR B 121 18.31 -31.13 -22.38
CA THR B 121 19.34 -31.49 -23.38
C THR B 121 18.65 -31.94 -24.66
N GLU B 122 17.65 -32.80 -24.52
CA GLU B 122 16.90 -33.28 -25.71
C GLU B 122 16.26 -32.11 -26.47
N LEU B 123 15.59 -31.21 -25.78
CA LEU B 123 14.86 -30.11 -26.47
C LEU B 123 15.83 -29.13 -27.12
N LYS B 124 16.98 -28.86 -26.49
CA LYS B 124 18.00 -27.95 -27.07
C LYS B 124 18.45 -28.48 -28.43
N ASP B 125 18.74 -29.78 -28.53
CA ASP B 125 19.25 -30.32 -29.82
C ASP B 125 18.16 -30.15 -30.87
N LYS B 126 16.89 -30.20 -30.48
CA LYS B 126 15.77 -30.09 -31.46
C LYS B 126 15.43 -28.63 -31.79
N ILE B 127 15.62 -27.68 -30.87
CA ILE B 127 15.13 -26.28 -31.12
C ILE B 127 16.24 -25.22 -31.25
N ALA B 128 17.49 -25.51 -30.89
CA ALA B 128 18.54 -24.46 -30.87
C ALA B 128 18.70 -23.76 -32.23
N ASP B 129 18.81 -24.52 -33.31
CA ASP B 129 19.02 -23.93 -34.65
C ASP B 129 17.80 -23.10 -35.06
N ARG B 130 16.59 -23.56 -34.71
CA ARG B 130 15.35 -22.85 -35.06
C ARG B 130 15.22 -21.55 -34.25
N LEU B 131 15.66 -21.53 -33.00
CA LEU B 131 15.65 -20.29 -32.17
C LEU B 131 16.71 -19.30 -32.64
N GLU B 132 17.87 -19.76 -33.11
CA GLU B 132 18.92 -18.86 -33.67
C GLU B 132 18.41 -18.27 -34.99
N ALA B 133 17.70 -19.07 -35.77
CA ALA B 133 17.11 -18.52 -37.00
C ALA B 133 16.22 -17.32 -36.61
N LEU B 134 15.32 -17.51 -35.67
CA LEU B 134 14.39 -16.44 -35.27
C LEU B 134 15.04 -15.36 -34.41
N GLU B 135 15.84 -15.72 -33.41
CA GLU B 135 16.35 -14.69 -32.46
C GLU B 135 17.82 -14.30 -32.66
N GLY B 136 18.50 -14.90 -33.63
CA GLY B 136 19.89 -14.51 -33.93
C GLY B 136 20.92 -15.26 -33.10
N THR B 137 22.21 -15.02 -33.36
CA THR B 137 23.30 -15.75 -32.66
C THR B 137 23.40 -15.28 -31.20
N ASP B 138 22.89 -14.07 -30.91
CA ASP B 138 23.00 -13.52 -29.53
C ASP B 138 21.91 -14.11 -28.63
N PHE B 139 21.23 -15.16 -29.07
CA PHE B 139 20.24 -15.82 -28.18
C PHE B 139 20.83 -17.13 -27.67
N HIS B 140 20.96 -17.24 -26.35
CA HIS B 140 21.64 -18.41 -25.74
C HIS B 140 20.66 -19.46 -25.24
N CYS B 141 20.55 -20.57 -25.95
CA CYS B 141 19.73 -21.71 -25.51
C CYS B 141 20.60 -22.60 -24.60
N LEU B 142 20.34 -22.59 -23.29
CA LEU B 142 21.15 -23.37 -22.31
C LEU B 142 20.38 -24.59 -21.84
N ALA B 143 21.08 -25.70 -21.58
CA ALA B 143 20.45 -26.91 -21.01
C ALA B 143 20.81 -26.99 -19.54
N THR B 144 19.87 -27.40 -18.69
CA THR B 144 20.08 -27.34 -17.23
C THR B 144 19.96 -28.72 -16.60
N ASP B 145 19.69 -29.75 -17.41
CA ASP B 145 19.51 -31.13 -16.90
C ASP B 145 20.85 -31.84 -16.63
N GLN B 146 21.95 -31.36 -17.20
CA GLN B 146 23.27 -32.03 -17.05
C GLN B 146 24.24 -31.10 -16.33
N VAL B 147 23.76 -30.39 -15.32
CA VAL B 147 24.62 -29.46 -14.53
C VAL B 147 25.09 -30.21 -13.30
N GLU B 148 26.40 -30.31 -13.11
CA GLU B 148 26.97 -31.08 -11.97
C GLU B 148 26.60 -30.39 -10.66
N LEU B 149 26.30 -31.17 -9.61
CA LEU B 149 25.87 -30.59 -8.32
C LEU B 149 27.00 -29.83 -7.61
N ILE B 150 28.26 -30.19 -7.87
CA ILE B 150 29.43 -29.50 -7.24
C ILE B 150 29.41 -28.04 -7.68
N SER B 151 29.01 -27.77 -8.91
CA SER B 151 28.95 -26.39 -9.47
C SER B 151 28.26 -25.42 -8.50
N GLY B 152 27.38 -25.92 -7.63
CA GLY B 152 26.65 -25.09 -6.65
C GLY B 152 27.55 -24.37 -5.66
N LYS B 153 28.76 -24.87 -5.44
CA LYS B 153 29.73 -24.26 -4.51
C LYS B 153 30.16 -22.89 -5.05
N ASN B 154 30.06 -22.68 -6.36
CA ASN B 154 30.39 -21.37 -6.97
C ASN B 154 29.20 -20.39 -6.93
N TRP B 155 28.07 -20.76 -6.31
CA TRP B 155 26.86 -19.88 -6.26
C TRP B 155 27.11 -18.66 -5.37
N GLN B 156 26.92 -17.47 -5.93
CA GLN B 156 27.04 -16.24 -5.13
C GLN B 156 25.63 -15.78 -4.78
N LYS B 157 25.24 -15.87 -3.51
CA LYS B 157 23.87 -15.52 -3.09
C LYS B 157 23.59 -14.05 -3.33
N PRO B 158 22.61 -13.64 -4.19
CA PRO B 158 22.39 -12.24 -4.45
C PRO B 158 21.69 -11.62 -3.23
N ASN B 159 21.86 -10.32 -3.02
CA ASN B 159 21.09 -9.70 -1.92
C ASN B 159 19.67 -9.55 -2.47
N ILE B 160 18.70 -10.23 -1.87
CA ILE B 160 17.33 -10.22 -2.45
C ILE B 160 16.36 -9.50 -1.51
N SER B 161 15.80 -8.39 -1.97
CA SER B 161 14.78 -7.67 -1.18
C SER B 161 13.45 -8.04 -1.80
N GLY B 162 12.35 -7.89 -1.08
CA GLY B 162 11.01 -8.25 -1.60
C GLY B 162 10.61 -7.44 -2.82
N THR B 163 11.02 -6.19 -2.88
CA THR B 163 10.70 -5.30 -4.04
C THR B 163 11.50 -5.70 -5.29
N ASP B 164 12.39 -6.68 -5.19
CA ASP B 164 13.12 -7.16 -6.38
C ASP B 164 12.20 -8.01 -7.26
N LEU B 165 12.31 -7.85 -8.57
CA LEU B 165 11.49 -8.65 -9.52
C LEU B 165 11.96 -10.11 -9.49
N ALA B 166 11.03 -11.04 -9.30
CA ALA B 166 11.36 -12.46 -9.25
C ALA B 166 11.19 -13.09 -10.63
N PHE B 167 10.04 -12.88 -11.25
CA PHE B 167 9.76 -13.51 -12.56
C PHE B 167 8.63 -12.81 -13.29
N LEU B 168 8.43 -13.20 -14.54
CA LEU B 168 7.38 -12.60 -15.38
C LEU B 168 6.36 -13.70 -15.64
N GLN B 169 5.18 -13.57 -15.05
CA GLN B 169 4.07 -14.51 -15.32
C GLN B 169 3.28 -13.94 -16.49
N TYR B 170 3.31 -14.63 -17.62
CA TYR B 170 2.55 -14.17 -18.80
C TYR B 170 1.08 -14.60 -18.70
N THR B 171 0.18 -13.70 -19.07
CA THR B 171 -1.27 -13.98 -19.10
C THR B 171 -1.53 -15.00 -20.21
N SER B 172 -2.65 -15.72 -20.14
CA SER B 172 -2.97 -16.78 -21.12
C SER B 172 -3.09 -16.24 -22.55
N GLY B 173 -3.71 -15.08 -22.72
CA GLY B 173 -3.93 -14.53 -24.07
C GLY B 173 -5.37 -14.68 -24.50
N SER B 174 -6.27 -14.88 -23.55
CA SER B 174 -7.69 -15.12 -23.89
C SER B 174 -8.30 -13.85 -24.49
N THR B 175 -8.15 -12.71 -23.83
CA THR B 175 -8.77 -11.44 -24.29
C THR B 175 -7.85 -10.68 -25.25
N GLY B 176 -6.54 -10.99 -25.27
CA GLY B 176 -5.57 -10.27 -26.13
C GLY B 176 -4.19 -10.93 -26.20
N ASP B 177 -3.15 -10.22 -26.64
CA ASP B 177 -1.77 -10.82 -26.63
C ASP B 177 -1.34 -11.03 -25.19
N PRO B 178 -0.65 -12.13 -24.87
CA PRO B 178 -0.14 -12.34 -23.52
C PRO B 178 0.63 -11.12 -22.99
N LYS B 179 0.26 -10.63 -21.81
CA LYS B 179 1.00 -9.52 -21.17
C LYS B 179 1.92 -10.11 -20.10
N GLY B 180 3.09 -9.50 -19.92
CA GLY B 180 4.05 -9.97 -18.91
C GLY B 180 3.81 -9.33 -17.56
N VAL B 181 3.38 -10.13 -16.58
CA VAL B 181 3.11 -9.59 -15.23
C VAL B 181 4.38 -9.63 -14.40
N MET B 182 4.76 -8.49 -13.84
CA MET B 182 5.99 -8.37 -13.05
C MET B 182 5.72 -8.79 -11.61
N VAL B 183 5.99 -10.07 -11.31
CA VAL B 183 5.74 -10.61 -9.95
C VAL B 183 7.00 -10.42 -9.09
N SER B 184 6.89 -9.69 -8.00
CA SER B 184 8.03 -9.42 -7.08
C SER B 184 8.27 -10.59 -6.11
N HIS B 185 9.34 -10.53 -5.33
CA HIS B 185 9.59 -11.57 -4.30
C HIS B 185 8.56 -11.42 -3.19
N HIS B 186 8.25 -10.18 -2.80
CA HIS B 186 7.22 -9.92 -1.77
C HIS B 186 5.85 -10.39 -2.25
N ASN B 187 5.55 -10.20 -3.53
CA ASN B 187 4.29 -10.67 -4.10
C ASN B 187 4.16 -12.19 -3.90
N LEU B 188 5.23 -12.92 -4.15
CA LEU B 188 5.21 -14.39 -4.00
C LEU B 188 5.00 -14.77 -2.53
N ILE B 189 5.68 -14.11 -1.61
CA ILE B 189 5.55 -14.40 -0.16
C ILE B 189 4.16 -13.99 0.35
N HIS B 190 3.68 -12.78 0.02
CA HIS B 190 2.35 -12.30 0.47
C HIS B 190 1.24 -13.25 0.03
N ASN B 191 1.23 -13.63 -1.23
CA ASN B 191 0.15 -14.49 -1.74
C ASN B 191 0.26 -15.90 -1.16
N SER B 192 1.49 -16.39 -1.01
CA SER B 192 1.72 -17.74 -0.41
C SER B 192 1.08 -17.76 0.97
N GLY B 193 1.27 -16.70 1.75
CA GLY B 193 0.62 -16.58 3.05
C GLY B 193 -0.90 -16.48 2.93
N LEU B 194 -1.41 -15.78 1.92
CA LEU B 194 -2.88 -15.65 1.70
C LEU B 194 -3.48 -17.03 1.41
N ILE B 195 -2.86 -17.79 0.50
CA ILE B 195 -3.35 -19.16 0.16
C ILE B 195 -3.35 -20.00 1.44
N ASN B 196 -2.31 -19.90 2.27
CA ASN B 196 -2.24 -20.68 3.53
C ASN B 196 -3.23 -20.15 4.57
N GLN B 197 -3.43 -18.83 4.64
CA GLN B 197 -4.43 -18.26 5.58
C GLN B 197 -5.81 -18.84 5.24
N GLY B 198 -6.00 -19.27 4.01
CA GLY B 198 -7.32 -19.78 3.59
C GLY B 198 -7.38 -21.27 3.41
N PHE B 199 -6.36 -21.85 2.78
CA PHE B 199 -6.31 -23.32 2.63
C PHE B 199 -6.15 -23.96 4.02
N GLN B 200 -5.50 -23.25 4.93
CA GLN B 200 -5.31 -23.72 6.33
C GLN B 200 -4.53 -25.05 6.38
N ASP B 201 -3.49 -25.19 5.56
CA ASP B 201 -2.74 -26.47 5.50
C ASP B 201 -1.59 -26.50 6.51
N THR B 202 -1.18 -27.70 6.92
CA THR B 202 -0.06 -27.84 7.89
C THR B 202 1.04 -28.68 7.23
N GLU B 203 2.14 -28.93 7.95
CA GLU B 203 3.24 -29.80 7.41
C GLU B 203 2.67 -31.19 7.15
N ALA B 204 1.73 -31.64 7.99
CA ALA B 204 1.10 -32.97 7.83
C ALA B 204 0.26 -33.05 6.54
N SER B 205 -0.04 -31.93 5.87
CA SER B 205 -0.94 -31.99 4.69
C SER B 205 -0.27 -32.64 3.47
N MET B 206 -1.03 -33.37 2.65
CA MET B 206 -0.50 -34.00 1.41
C MET B 206 -1.19 -33.31 0.23
N GLY B 207 -0.47 -33.13 -0.87
CA GLY B 207 -1.12 -32.54 -2.06
C GLY B 207 -0.86 -33.31 -3.33
N VAL B 208 -1.77 -33.20 -4.30
CA VAL B 208 -1.54 -33.79 -5.65
C VAL B 208 -1.96 -32.73 -6.68
N SER B 209 -1.10 -32.48 -7.68
CA SER B 209 -1.39 -31.43 -8.69
C SER B 209 -1.05 -31.91 -10.11
N TRP B 210 -2.07 -32.07 -10.96
CA TRP B 210 -1.82 -32.44 -12.38
C TRP B 210 -1.71 -31.15 -13.19
N LEU B 211 -1.89 -30.00 -12.55
CA LEU B 211 -1.95 -28.70 -13.27
C LEU B 211 -0.66 -28.37 -14.07
N PRO B 212 -0.72 -27.68 -15.24
CA PRO B 212 0.49 -27.26 -15.93
C PRO B 212 1.28 -26.39 -14.94
N PRO B 213 2.59 -26.64 -14.79
CA PRO B 213 3.38 -25.92 -13.80
C PRO B 213 3.82 -24.55 -14.31
N TYR B 214 3.53 -24.23 -15.57
CA TYR B 214 4.03 -22.98 -16.18
C TYR B 214 3.35 -21.73 -15.61
N HIS B 215 2.04 -21.78 -15.34
CA HIS B 215 1.35 -20.52 -14.94
C HIS B 215 0.31 -20.68 -13.85
N ASP B 216 -0.10 -19.56 -13.22
CA ASP B 216 -1.19 -19.53 -12.20
C ASP B 216 -1.18 -20.69 -11.19
N MET B 217 -2.35 -21.32 -10.98
CA MET B 217 -2.50 -22.36 -9.94
C MET B 217 -1.37 -23.39 -10.01
N GLY B 218 -0.87 -23.72 -11.20
CA GLY B 218 0.16 -24.77 -11.27
C GLY B 218 1.49 -24.32 -10.71
N LEU B 219 1.86 -23.06 -10.92
CA LEU B 219 3.20 -22.60 -10.50
C LEU B 219 3.17 -22.16 -9.04
N ILE B 220 2.42 -21.13 -8.71
CA ILE B 220 2.45 -20.57 -7.34
C ILE B 220 1.78 -21.57 -6.37
N GLY B 221 0.74 -22.24 -6.81
CA GLY B 221 0.01 -23.16 -5.92
C GLY B 221 0.55 -24.58 -5.93
N GLY B 222 0.81 -25.14 -7.10
CA GLY B 222 1.29 -26.53 -7.18
C GLY B 222 2.78 -26.68 -6.90
N ILE B 223 3.58 -25.66 -7.17
CA ILE B 223 5.05 -25.72 -6.91
C ILE B 223 5.40 -24.91 -5.66
N LEU B 224 5.03 -23.62 -5.61
CA LEU B 224 5.49 -22.78 -4.49
C LEU B 224 4.77 -23.05 -3.18
N GLN B 225 3.48 -23.35 -3.20
CA GLN B 225 2.72 -23.50 -1.94
C GLN B 225 3.19 -24.72 -1.14
N PRO B 226 3.44 -25.90 -1.75
CA PRO B 226 4.06 -27.01 -1.01
C PRO B 226 5.31 -26.58 -0.25
N ILE B 227 6.19 -25.79 -0.87
CA ILE B 227 7.47 -25.34 -0.24
C ILE B 227 7.20 -24.39 0.91
N TYR B 228 6.24 -23.47 0.76
CA TYR B 228 6.00 -22.46 1.81
C TYR B 228 5.53 -23.20 3.07
N VAL B 229 4.74 -24.25 2.89
CA VAL B 229 4.15 -24.97 4.06
C VAL B 229 5.04 -26.13 4.54
N GLY B 230 5.92 -26.66 3.71
CA GLY B 230 6.86 -27.73 4.11
C GLY B 230 6.23 -29.09 3.99
N ILE B 231 5.63 -29.38 2.84
CA ILE B 231 4.84 -30.63 2.71
C ILE B 231 5.32 -31.45 1.53
N THR B 232 4.63 -32.55 1.25
CA THR B 232 4.99 -33.42 0.14
C THR B 232 3.93 -33.31 -0.96
N GLN B 233 4.37 -33.04 -2.18
CA GLN B 233 3.43 -32.84 -3.30
C GLN B 233 3.63 -33.90 -4.38
N ILE B 234 2.57 -34.61 -4.74
CA ILE B 234 2.63 -35.54 -5.88
C ILE B 234 2.28 -34.72 -7.11
N LEU B 235 3.02 -34.91 -8.20
CA LEU B 235 2.79 -34.13 -9.44
C LEU B 235 2.73 -35.07 -10.63
N MET B 236 1.85 -34.79 -11.58
CA MET B 236 1.74 -35.61 -12.81
C MET B 236 1.56 -34.67 -14.01
N PRO B 237 1.88 -35.08 -15.25
CA PRO B 237 1.64 -34.24 -16.42
C PRO B 237 0.14 -34.03 -16.66
N PRO B 238 -0.29 -32.87 -17.19
CA PRO B 238 -1.70 -32.63 -17.48
C PRO B 238 -2.27 -33.65 -18.47
N VAL B 239 -1.50 -34.04 -19.49
CA VAL B 239 -1.98 -35.02 -20.50
C VAL B 239 -2.42 -36.32 -19.82
N ALA B 240 -1.76 -36.73 -18.74
CA ALA B 240 -2.09 -37.98 -18.05
C ALA B 240 -3.52 -37.93 -17.49
N PHE B 241 -3.88 -36.85 -16.80
CA PHE B 241 -5.25 -36.67 -16.29
C PHE B 241 -6.21 -36.56 -17.46
N LEU B 242 -5.88 -35.72 -18.44
CA LEU B 242 -6.85 -35.50 -19.54
C LEU B 242 -7.13 -36.81 -20.28
N GLN B 243 -6.12 -37.64 -20.49
CA GLN B 243 -6.30 -38.93 -21.20
C GLN B 243 -7.05 -39.92 -20.30
N ARG B 244 -6.83 -39.85 -18.99
CA ARG B 244 -7.55 -40.74 -18.02
C ARG B 244 -7.81 -39.95 -16.74
N PRO B 245 -8.99 -39.32 -16.60
CA PRO B 245 -9.29 -38.47 -15.42
C PRO B 245 -9.27 -39.24 -14.10
N PHE B 246 -9.39 -40.57 -14.17
CA PHE B 246 -9.40 -41.42 -12.96
C PHE B 246 -8.08 -41.32 -12.20
N ARG B 247 -6.98 -41.10 -12.93
CA ARG B 247 -5.65 -41.09 -12.28
C ARG B 247 -5.59 -40.05 -11.17
N TRP B 248 -6.25 -38.91 -11.35
CA TRP B 248 -6.17 -37.81 -10.35
C TRP B 248 -6.72 -38.29 -9.01
N LEU B 249 -7.94 -38.82 -9.01
CA LEU B 249 -8.60 -39.25 -7.75
C LEU B 249 -7.94 -40.52 -7.21
N LYS B 250 -7.41 -41.39 -8.07
CA LYS B 250 -6.66 -42.58 -7.60
C LYS B 250 -5.47 -42.12 -6.76
N ALA B 251 -4.80 -41.07 -7.19
CA ALA B 251 -3.66 -40.52 -6.43
C ALA B 251 -4.13 -39.88 -5.12
N ILE B 252 -5.29 -39.25 -5.13
CA ILE B 252 -5.84 -38.70 -3.86
C ILE B 252 -6.06 -39.88 -2.92
N ASN B 253 -6.61 -40.96 -3.44
CA ASN B 253 -6.90 -42.18 -2.62
C ASN B 253 -5.58 -42.83 -2.17
N ASP B 254 -4.62 -43.01 -3.09
CA ASP B 254 -3.35 -43.72 -2.79
C ASP B 254 -2.52 -42.96 -1.75
N TYR B 255 -2.33 -41.65 -1.91
CA TYR B 255 -1.46 -40.86 -1.00
C TYR B 255 -2.25 -40.17 0.10
N ARG B 256 -3.57 -40.40 0.15
CA ARG B 256 -4.44 -39.80 1.20
C ARG B 256 -4.34 -38.28 1.13
N VAL B 257 -4.43 -37.71 -0.06
CA VAL B 257 -4.27 -36.23 -0.25
C VAL B 257 -5.36 -35.42 0.43
N SER B 258 -4.97 -34.42 1.20
CA SER B 258 -5.91 -33.49 1.87
C SER B 258 -6.24 -32.28 0.96
N THR B 259 -5.34 -31.92 0.03
CA THR B 259 -5.52 -30.68 -0.76
C THR B 259 -5.17 -30.83 -2.25
N SER B 260 -6.17 -30.86 -3.13
CA SER B 260 -5.95 -30.88 -4.60
C SER B 260 -7.02 -29.99 -5.26
N GLY B 261 -6.78 -29.55 -6.50
CA GLY B 261 -7.76 -28.66 -7.18
C GLY B 261 -7.58 -28.52 -8.67
N ALA B 262 -8.54 -27.85 -9.32
CA ALA B 262 -8.54 -27.73 -10.78
C ALA B 262 -9.58 -26.72 -11.26
N PRO B 263 -9.57 -26.28 -12.54
CA PRO B 263 -10.65 -25.46 -13.05
C PRO B 263 -11.96 -26.25 -13.05
N ASN B 264 -13.10 -25.56 -13.19
CA ASN B 264 -14.45 -26.20 -13.17
C ASN B 264 -14.60 -27.38 -14.12
N PHE B 265 -14.26 -27.22 -15.39
CA PHE B 265 -14.38 -28.29 -16.41
C PHE B 265 -13.79 -29.63 -15.94
N ALA B 266 -12.76 -29.62 -15.08
CA ALA B 266 -12.09 -30.86 -14.65
C ALA B 266 -13.01 -31.70 -13.76
N TYR B 267 -13.76 -31.05 -12.88
CA TYR B 267 -14.76 -31.77 -12.06
C TYR B 267 -15.80 -32.41 -12.98
N ASP B 268 -16.05 -31.81 -14.14
CA ASP B 268 -17.05 -32.33 -15.11
C ASP B 268 -16.51 -33.56 -15.83
N LEU B 269 -15.25 -33.50 -16.23
CA LEU B 269 -14.61 -34.63 -16.94
C LEU B 269 -14.59 -35.84 -15.99
N CYS B 270 -14.31 -35.64 -14.72
CA CYS B 270 -14.23 -36.76 -13.75
C CYS B 270 -15.61 -37.37 -13.54
N ALA B 271 -16.65 -36.54 -13.50
CA ALA B 271 -18.03 -37.05 -13.31
C ALA B 271 -18.54 -37.76 -14.57
N SER B 272 -17.88 -37.59 -15.71
CA SER B 272 -18.40 -38.18 -16.96
C SER B 272 -17.50 -39.32 -17.44
N GLN B 273 -16.20 -39.26 -17.17
CA GLN B 273 -15.26 -40.25 -17.72
C GLN B 273 -14.92 -41.36 -16.71
N ILE B 274 -15.13 -41.15 -15.42
CA ILE B 274 -14.71 -42.19 -14.42
C ILE B 274 -15.83 -43.23 -14.26
N THR B 275 -15.52 -44.52 -14.50
CA THR B 275 -16.55 -45.59 -14.46
C THR B 275 -17.01 -45.95 -13.05
N PRO B 276 -18.24 -46.49 -12.87
CA PRO B 276 -18.70 -46.94 -11.56
C PRO B 276 -17.75 -47.93 -10.90
N GLU B 277 -17.18 -48.87 -11.67
CA GLU B 277 -16.18 -49.81 -11.09
C GLU B 277 -14.98 -49.00 -10.59
N GLN B 278 -14.65 -47.91 -11.29
CA GLN B 278 -13.47 -47.10 -10.91
C GLN B 278 -13.78 -46.31 -9.65
N ILE B 279 -15.01 -45.78 -9.54
CA ILE B 279 -15.42 -44.97 -8.36
C ILE B 279 -15.37 -45.87 -7.11
N ARG B 280 -15.64 -47.17 -7.29
CA ARG B 280 -15.64 -48.14 -6.15
C ARG B 280 -14.23 -48.34 -5.59
N GLU B 281 -13.19 -47.98 -6.36
CA GLU B 281 -11.79 -48.19 -5.94
C GLU B 281 -11.31 -46.96 -5.17
N LEU B 282 -12.20 -46.00 -4.90
CA LEU B 282 -11.74 -44.73 -4.29
C LEU B 282 -12.32 -44.46 -2.92
N ASP B 283 -11.52 -43.92 -1.99
CA ASP B 283 -12.01 -43.42 -0.69
C ASP B 283 -11.53 -41.97 -0.59
N LEU B 284 -12.41 -41.01 -0.86
CA LEU B 284 -12.00 -39.58 -0.90
C LEU B 284 -12.31 -38.88 0.41
N SER B 285 -12.48 -39.63 1.51
CA SER B 285 -12.68 -39.04 2.86
C SER B 285 -11.48 -38.19 3.24
N CYS B 286 -10.29 -38.51 2.71
CA CYS B 286 -9.04 -37.74 2.97
C CYS B 286 -9.12 -36.34 2.35
N TRP B 287 -9.87 -36.15 1.26
CA TRP B 287 -9.92 -34.85 0.52
C TRP B 287 -10.66 -33.73 1.27
N ARG B 288 -9.94 -32.97 2.10
CA ARG B 288 -10.58 -31.91 2.93
C ARG B 288 -10.77 -30.63 2.10
N LEU B 289 -9.83 -30.33 1.21
CA LEU B 289 -9.95 -29.10 0.40
C LEU B 289 -9.88 -29.39 -1.10
N ALA B 290 -10.96 -29.09 -1.83
CA ALA B 290 -11.00 -29.29 -3.31
C ALA B 290 -11.23 -27.94 -3.98
N PHE B 291 -10.15 -27.21 -4.30
CA PHE B 291 -10.31 -25.83 -4.84
C PHE B 291 -10.80 -25.81 -6.29
N SER B 292 -11.60 -24.79 -6.65
CA SER B 292 -12.07 -24.62 -8.05
C SER B 292 -11.84 -23.17 -8.46
N GLY B 293 -11.04 -22.93 -9.49
CA GLY B 293 -10.72 -21.55 -9.88
C GLY B 293 -10.13 -21.48 -11.26
N ALA B 294 -9.87 -20.27 -11.75
CA ALA B 294 -9.29 -20.01 -13.09
C ALA B 294 -10.38 -19.99 -14.14
N GLU B 295 -11.61 -20.27 -13.73
CA GLU B 295 -12.73 -20.32 -14.69
C GLU B 295 -14.06 -20.20 -13.94
N PRO B 296 -15.16 -19.70 -14.57
CA PRO B 296 -16.48 -19.63 -13.92
C PRO B 296 -16.87 -20.91 -13.15
N ILE B 297 -17.22 -20.78 -11.88
CA ILE B 297 -17.65 -21.95 -11.06
C ILE B 297 -19.16 -22.16 -11.28
N ARG B 298 -19.54 -23.29 -11.90
CA ARG B 298 -20.96 -23.59 -12.19
C ARG B 298 -21.56 -24.48 -11.09
N ALA B 299 -22.80 -24.20 -10.68
CA ALA B 299 -23.46 -24.95 -9.59
C ALA B 299 -23.86 -26.35 -10.06
N VAL B 300 -24.24 -26.48 -11.32
CA VAL B 300 -24.66 -27.79 -11.87
C VAL B 300 -23.45 -28.75 -11.80
N THR B 301 -22.23 -28.25 -12.02
CA THR B 301 -20.98 -29.07 -11.97
C THR B 301 -20.69 -29.51 -10.54
N LEU B 302 -20.61 -28.57 -9.60
CA LEU B 302 -20.37 -28.88 -8.18
C LEU B 302 -21.34 -29.99 -7.72
N GLU B 303 -22.62 -29.89 -8.04
CA GLU B 303 -23.62 -30.88 -7.57
C GLU B 303 -23.36 -32.21 -8.27
N ASN B 304 -23.03 -32.15 -9.55
CA ASN B 304 -22.84 -33.41 -10.31
C ASN B 304 -21.65 -34.21 -9.71
N PHE B 305 -20.53 -33.54 -9.44
CA PHE B 305 -19.35 -34.21 -8.83
C PHE B 305 -19.71 -34.71 -7.42
N ALA B 306 -20.39 -33.88 -6.63
CA ALA B 306 -20.77 -34.27 -5.26
C ALA B 306 -21.60 -35.54 -5.30
N LYS B 307 -22.56 -35.62 -6.22
CA LYS B 307 -23.46 -36.79 -6.32
C LYS B 307 -22.70 -38.00 -6.85
N THR B 308 -21.86 -37.82 -7.87
CA THR B 308 -21.15 -38.97 -8.48
C THR B 308 -20.12 -39.57 -7.48
N PHE B 309 -19.59 -38.76 -6.57
CA PHE B 309 -18.49 -39.26 -5.71
C PHE B 309 -18.89 -39.32 -4.23
N ALA B 310 -20.17 -39.15 -3.90
CA ALA B 310 -20.62 -39.22 -2.49
C ALA B 310 -20.47 -40.66 -1.99
N THR B 311 -20.68 -41.62 -2.89
CA THR B 311 -20.51 -43.05 -2.53
C THR B 311 -19.04 -43.33 -2.20
N ALA B 312 -18.11 -42.53 -2.75
CA ALA B 312 -16.67 -42.74 -2.50
C ALA B 312 -16.18 -41.83 -1.37
N GLY B 313 -17.08 -41.18 -0.66
CA GLY B 313 -16.67 -40.42 0.52
C GLY B 313 -16.40 -38.96 0.28
N PHE B 314 -16.53 -38.50 -0.96
CA PHE B 314 -16.36 -37.04 -1.20
C PHE B 314 -17.50 -36.26 -0.57
N GLN B 315 -17.15 -35.27 0.26
CA GLN B 315 -18.17 -34.37 0.83
C GLN B 315 -18.11 -33.03 0.08
N LYS B 316 -19.26 -32.47 -0.28
CA LYS B 316 -19.34 -31.17 -0.99
C LYS B 316 -18.82 -30.05 -0.10
N SER B 317 -18.76 -30.27 1.22
CA SER B 317 -18.17 -29.28 2.16
C SER B 317 -16.69 -29.02 1.81
N ALA B 318 -16.07 -29.88 1.01
CA ALA B 318 -14.64 -29.74 0.67
C ALA B 318 -14.40 -28.71 -0.44
N PHE B 319 -15.42 -28.41 -1.23
CA PHE B 319 -15.27 -27.47 -2.36
C PHE B 319 -14.79 -26.13 -1.81
N TYR B 320 -13.72 -25.59 -2.42
CA TYR B 320 -13.13 -24.30 -1.98
C TYR B 320 -13.16 -23.36 -3.19
N PRO B 321 -14.27 -22.64 -3.47
CA PRO B 321 -14.32 -21.69 -4.57
C PRO B 321 -13.26 -20.64 -4.32
N CYS B 322 -12.49 -20.36 -5.35
CA CYS B 322 -11.37 -19.40 -5.21
C CYS B 322 -11.34 -18.53 -6.46
N TYR B 323 -10.87 -17.31 -6.34
CA TYR B 323 -10.73 -16.43 -7.52
C TYR B 323 -9.41 -15.69 -7.52
N GLY B 324 -8.85 -15.48 -8.71
CA GLY B 324 -7.63 -14.68 -8.82
C GLY B 324 -7.09 -14.57 -10.23
N MET B 325 -5.99 -13.84 -10.38
CA MET B 325 -5.34 -13.63 -11.69
C MET B 325 -3.84 -13.40 -11.48
N ALA B 326 -3.09 -13.26 -12.56
CA ALA B 326 -1.62 -13.08 -12.48
C ALA B 326 -1.27 -11.71 -11.91
N GLU B 327 -2.07 -10.69 -12.23
CA GLU B 327 -1.85 -9.30 -11.74
C GLU B 327 -2.01 -9.23 -10.24
N THR B 328 -2.63 -10.26 -9.64
CA THR B 328 -2.77 -10.34 -8.16
C THR B 328 -1.95 -11.54 -7.67
N THR B 329 -0.88 -11.91 -8.40
CA THR B 329 0.00 -13.04 -8.04
C THR B 329 -0.73 -14.38 -8.24
N LEU B 330 -1.78 -14.66 -7.47
CA LEU B 330 -2.60 -15.87 -7.72
C LEU B 330 -3.98 -15.76 -7.06
N ILE B 331 -4.03 -15.57 -5.74
CA ILE B 331 -5.33 -15.60 -5.01
C ILE B 331 -5.77 -14.22 -4.51
N VAL B 332 -7.04 -13.90 -4.72
CA VAL B 332 -7.61 -12.66 -4.16
C VAL B 332 -8.68 -13.08 -3.15
N SER B 333 -9.50 -14.01 -3.56
CA SER B 333 -10.63 -14.44 -2.71
C SER B 333 -10.73 -15.97 -2.65
N GLY B 334 -11.32 -16.50 -1.57
CA GLY B 334 -11.50 -17.96 -1.48
C GLY B 334 -12.27 -18.36 -0.23
N GLY B 335 -12.97 -19.50 -0.29
CA GLY B 335 -13.66 -20.02 0.91
C GLY B 335 -15.16 -20.13 0.75
N ASN B 336 -15.82 -20.82 1.68
CA ASN B 336 -17.30 -20.96 1.67
C ASN B 336 -17.85 -20.07 2.78
N GLY B 337 -16.97 -19.35 3.47
CA GLY B 337 -17.41 -18.54 4.62
C GLY B 337 -17.65 -19.42 5.84
N ALA B 338 -18.45 -18.96 6.80
CA ALA B 338 -18.78 -19.80 7.98
C ALA B 338 -19.78 -20.87 7.53
N ALA B 339 -20.14 -20.88 6.25
CA ALA B 339 -21.02 -21.93 5.71
C ALA B 339 -20.19 -23.14 5.32
N GLN B 340 -20.78 -24.32 5.34
CA GLN B 340 -20.02 -25.55 5.00
C GLN B 340 -19.87 -25.65 3.49
N LEU B 341 -20.95 -25.49 2.75
CA LEU B 341 -20.90 -25.69 1.28
C LEU B 341 -20.63 -24.36 0.57
N PRO B 342 -20.24 -24.35 -0.74
CA PRO B 342 -20.14 -23.08 -1.50
C PRO B 342 -21.45 -22.29 -1.53
N GLN B 343 -21.40 -21.03 -1.10
CA GLN B 343 -22.61 -20.16 -1.05
C GLN B 343 -23.09 -19.87 -2.48
N GLU B 344 -24.40 -20.04 -2.72
CA GLU B 344 -24.97 -19.80 -4.07
C GLU B 344 -26.23 -18.95 -3.94
N ILE B 345 -26.48 -18.07 -4.92
CA ILE B 345 -27.68 -17.18 -4.89
C ILE B 345 -28.46 -17.31 -6.19
N ILE B 346 -29.79 -17.41 -6.11
CA ILE B 346 -30.64 -17.44 -7.33
C ILE B 346 -31.09 -16.00 -7.57
N VAL B 347 -30.76 -15.43 -8.74
CA VAL B 347 -31.04 -13.99 -8.99
C VAL B 347 -31.69 -13.81 -10.38
N SER B 348 -32.31 -12.66 -10.62
CA SER B 348 -32.94 -12.37 -11.94
C SER B 348 -31.91 -12.31 -13.05
N LYS B 349 -32.07 -13.14 -14.08
CA LYS B 349 -31.17 -13.10 -15.27
C LYS B 349 -31.25 -11.73 -15.95
N GLN B 350 -32.46 -11.17 -16.03
CA GLN B 350 -32.65 -9.86 -16.71
C GLN B 350 -31.99 -8.79 -15.85
N GLY B 351 -32.02 -8.98 -14.53
CA GLY B 351 -31.32 -8.02 -13.66
C GLY B 351 -29.84 -8.00 -13.97
N ILE B 352 -29.23 -9.19 -14.08
CA ILE B 352 -27.77 -9.31 -14.37
C ILE B 352 -27.50 -8.63 -15.70
N GLU B 353 -28.39 -8.79 -16.67
CA GLU B 353 -28.27 -8.12 -17.98
C GLU B 353 -28.28 -6.60 -17.81
N ALA B 354 -28.71 -6.10 -16.64
CA ALA B 354 -28.77 -4.64 -16.39
C ALA B 354 -27.87 -4.27 -15.22
N ASN B 355 -26.82 -5.07 -14.96
CA ASN B 355 -25.83 -4.73 -13.91
C ASN B 355 -26.49 -4.65 -12.55
N GLN B 356 -27.48 -5.50 -12.32
CA GLN B 356 -28.22 -5.47 -11.04
C GLN B 356 -28.32 -6.87 -10.45
N VAL B 357 -28.16 -6.99 -9.14
CA VAL B 357 -28.32 -8.29 -8.45
C VAL B 357 -29.61 -8.22 -7.62
N ARG B 358 -30.65 -8.90 -8.09
CA ARG B 358 -31.95 -8.86 -7.38
C ARG B 358 -32.74 -10.14 -7.65
N PRO B 359 -33.70 -10.52 -6.77
CA PRO B 359 -34.57 -11.66 -7.02
C PRO B 359 -35.38 -11.48 -8.31
N ALA B 360 -35.73 -12.58 -8.97
CA ALA B 360 -36.49 -12.52 -10.23
C ALA B 360 -37.96 -12.18 -9.97
N GLN B 361 -38.42 -11.04 -10.49
CA GLN B 361 -39.84 -10.68 -10.39
C GLN B 361 -40.49 -11.04 -11.72
N GLU B 364 -39.83 -13.18 -14.84
CA GLU B 364 -38.48 -13.19 -15.45
C GLU B 364 -37.70 -14.46 -15.08
N THR B 365 -36.73 -14.84 -15.91
CA THR B 365 -35.91 -16.06 -15.69
C THR B 365 -34.94 -15.89 -14.51
N THR B 366 -34.67 -17.00 -13.83
CA THR B 366 -33.72 -16.98 -12.67
C THR B 366 -32.36 -17.52 -13.12
N VAL B 367 -31.29 -17.04 -12.48
CA VAL B 367 -29.92 -17.55 -12.76
C VAL B 367 -29.30 -17.92 -11.42
N THR B 368 -28.46 -18.97 -11.40
CA THR B 368 -27.78 -19.40 -10.14
C THR B 368 -26.28 -19.11 -10.24
N LEU B 369 -25.75 -18.37 -9.28
CA LEU B 369 -24.33 -17.95 -9.33
C LEU B 369 -23.58 -18.44 -8.09
N VAL B 370 -22.43 -19.08 -8.29
CA VAL B 370 -21.58 -19.55 -7.16
C VAL B 370 -20.59 -18.45 -6.80
N GLY B 371 -20.46 -18.16 -5.51
CA GLY B 371 -19.44 -17.19 -5.07
C GLY B 371 -18.00 -17.69 -5.27
N SER B 372 -17.05 -16.77 -5.38
CA SER B 372 -15.63 -17.13 -5.60
C SER B 372 -14.89 -16.93 -4.28
N GLY B 373 -15.62 -16.96 -3.17
CA GLY B 373 -14.99 -16.88 -1.84
C GLY B 373 -14.99 -15.51 -1.21
N GLU B 374 -14.49 -15.43 0.02
CA GLU B 374 -14.39 -14.13 0.73
C GLU B 374 -12.99 -13.56 0.53
N VAL B 375 -12.86 -12.23 0.58
CA VAL B 375 -11.55 -11.58 0.33
C VAL B 375 -10.60 -11.99 1.45
N ILE B 376 -9.48 -12.61 1.08
CA ILE B 376 -8.56 -13.17 2.10
C ILE B 376 -7.56 -12.13 2.57
N GLY B 377 -7.47 -11.92 3.88
CA GLY B 377 -6.40 -11.08 4.42
C GLY B 377 -6.54 -9.57 4.33
N ASP B 378 -5.40 -8.87 4.38
CA ASP B 378 -5.40 -7.40 4.44
C ASP B 378 -5.53 -6.75 3.05
N GLN B 379 -6.00 -7.48 2.06
CA GLN B 379 -6.27 -6.88 0.74
C GLN B 379 -7.69 -6.30 0.71
N ILE B 380 -7.93 -5.28 -0.11
CA ILE B 380 -9.25 -4.59 -0.20
C ILE B 380 -9.81 -4.78 -1.61
N VAL B 381 -11.06 -5.26 -1.73
CA VAL B 381 -11.72 -5.41 -3.05
C VAL B 381 -12.92 -4.45 -3.11
N LYS B 382 -13.04 -3.70 -4.21
CA LYS B 382 -14.18 -2.79 -4.42
C LYS B 382 -14.82 -3.12 -5.77
N ILE B 383 -16.10 -2.80 -5.91
CA ILE B 383 -16.85 -3.00 -7.18
C ILE B 383 -17.06 -1.58 -7.71
N VAL B 384 -16.49 -1.26 -8.86
CA VAL B 384 -16.49 0.15 -9.35
C VAL B 384 -17.08 0.21 -10.75
N ASP B 385 -17.79 1.30 -11.06
CA ASP B 385 -18.34 1.51 -12.43
C ASP B 385 -17.15 1.60 -13.39
N PRO B 386 -17.11 0.82 -14.49
CA PRO B 386 -15.99 0.86 -15.42
C PRO B 386 -15.81 2.17 -16.19
N GLN B 387 -16.82 3.03 -16.26
CA GLN B 387 -16.72 4.30 -17.05
C GLN B 387 -16.62 5.49 -16.12
N ALA B 388 -17.52 5.61 -15.15
CA ALA B 388 -17.55 6.80 -14.26
C ALA B 388 -16.52 6.74 -13.14
N LEU B 389 -15.92 5.56 -12.91
CA LEU B 389 -14.89 5.40 -11.85
C LEU B 389 -15.54 5.77 -10.51
N THR B 390 -16.77 5.31 -10.32
CA THR B 390 -17.51 5.54 -9.05
C THR B 390 -17.82 4.19 -8.41
N GLU B 391 -17.80 4.13 -7.09
CA GLU B 391 -18.01 2.84 -6.39
C GLU B 391 -19.48 2.44 -6.47
N CYS B 392 -19.71 1.22 -6.91
CA CYS B 392 -21.08 0.69 -7.05
C CYS B 392 -21.65 0.46 -5.66
N THR B 393 -22.97 0.40 -5.56
CA THR B 393 -23.63 0.20 -4.25
C THR B 393 -24.05 -1.26 -4.14
N VAL B 394 -24.61 -1.64 -3.01
CA VAL B 394 -25.04 -3.05 -2.78
C VAL B 394 -26.09 -3.42 -3.82
N GLY B 395 -25.95 -4.59 -4.44
CA GLY B 395 -26.99 -5.07 -5.38
C GLY B 395 -26.77 -4.61 -6.81
N GLU B 396 -25.60 -4.04 -7.12
CA GLU B 396 -25.33 -3.67 -8.54
C GLU B 396 -23.98 -4.24 -8.98
N ILE B 397 -23.88 -4.64 -10.25
CA ILE B 397 -22.64 -5.29 -10.77
C ILE B 397 -21.71 -4.23 -11.37
N GLY B 398 -20.40 -4.34 -11.10
CA GLY B 398 -19.41 -3.43 -11.69
C GLY B 398 -18.06 -4.13 -11.80
N GLU B 399 -17.01 -3.41 -12.17
CA GLU B 399 -15.69 -4.02 -12.38
C GLU B 399 -15.02 -4.28 -11.05
N VAL B 400 -14.47 -5.49 -10.91
CA VAL B 400 -13.73 -5.83 -9.68
C VAL B 400 -12.45 -5.01 -9.61
N TRP B 401 -12.23 -4.34 -8.49
CA TRP B 401 -10.98 -3.59 -8.27
C TRP B 401 -10.28 -4.20 -7.05
N VAL B 402 -8.98 -4.43 -7.13
CA VAL B 402 -8.21 -5.12 -6.03
C VAL B 402 -7.00 -4.31 -5.57
N LYS B 403 -6.91 -4.01 -4.28
CA LYS B 403 -5.72 -3.33 -3.73
C LYS B 403 -5.04 -4.23 -2.68
N GLY B 404 -3.73 -4.44 -2.81
CA GLY B 404 -2.97 -5.26 -1.85
C GLY B 404 -1.51 -5.52 -2.22
N GLU B 405 -0.78 -6.18 -1.33
CA GLU B 405 0.68 -6.47 -1.53
C GLU B 405 0.86 -7.65 -2.47
N SER B 406 -0.22 -8.31 -2.86
CA SER B 406 -0.13 -9.37 -3.89
C SER B 406 -0.43 -8.76 -5.26
N VAL B 407 -0.75 -7.47 -5.32
CA VAL B 407 -0.90 -6.81 -6.65
C VAL B 407 0.51 -6.66 -7.24
N ALA B 408 0.71 -7.10 -8.47
CA ALA B 408 2.02 -7.08 -9.14
C ALA B 408 2.56 -5.67 -9.41
N GLN B 409 3.82 -5.57 -9.80
CA GLN B 409 4.49 -4.26 -9.98
C GLN B 409 4.02 -3.58 -11.27
N GLY B 410 3.43 -4.35 -12.18
CA GLY B 410 2.93 -3.80 -13.44
C GLY B 410 3.11 -4.76 -14.60
N TYR B 411 2.84 -4.28 -15.81
CA TYR B 411 3.05 -5.07 -17.03
C TYR B 411 4.43 -4.71 -17.59
N TRP B 412 5.19 -5.72 -18.03
CA TRP B 412 6.57 -5.53 -18.53
C TRP B 412 6.65 -4.63 -19.77
N GLN B 413 7.46 -3.56 -19.70
CA GLN B 413 7.68 -2.66 -20.87
C GLN B 413 6.35 -2.17 -21.43
N LYS B 414 5.34 -2.01 -20.58
CA LYS B 414 4.03 -1.46 -21.02
C LYS B 414 3.65 -0.34 -20.05
N PRO B 415 4.32 0.83 -20.09
CA PRO B 415 4.08 1.90 -19.11
C PRO B 415 2.66 2.46 -19.14
N ASP B 416 2.08 2.66 -20.33
CA ASP B 416 0.73 3.29 -20.40
C ASP B 416 -0.33 2.35 -19.82
N LEU B 417 -0.37 1.09 -20.26
CA LEU B 417 -1.35 0.11 -19.73
C LEU B 417 -1.15 -0.06 -18.21
N THR B 418 0.10 0.02 -17.74
CA THR B 418 0.38 -0.12 -16.29
C THR B 418 -0.30 1.02 -15.53
N GLN B 419 -0.15 2.26 -16.00
CA GLN B 419 -0.77 3.44 -15.33
C GLN B 419 -2.29 3.28 -15.35
N GLN B 420 -2.84 2.83 -16.47
CA GLN B 420 -4.31 2.66 -16.60
C GLN B 420 -4.78 1.52 -15.68
N GLN B 421 -4.25 0.31 -15.86
CA GLN B 421 -4.71 -0.88 -15.09
C GLN B 421 -4.29 -0.89 -13.62
N PHE B 422 -3.14 -0.34 -13.26
CA PHE B 422 -2.63 -0.49 -11.86
C PHE B 422 -2.76 0.81 -11.06
N GLN B 423 -3.35 1.84 -11.65
CA GLN B 423 -3.57 3.10 -10.91
C GLN B 423 -5.06 3.45 -10.96
N GLY B 424 -5.89 2.57 -10.41
CA GLY B 424 -7.33 2.80 -10.32
C GLY B 424 -7.66 3.81 -9.25
N ASN B 425 -8.27 4.92 -9.64
CA ASN B 425 -8.72 5.95 -8.68
C ASN B 425 -10.25 5.92 -8.60
N VAL B 426 -10.80 5.81 -7.41
CA VAL B 426 -12.27 5.79 -7.17
C VAL B 426 -12.50 6.59 -5.90
N GLY B 427 -13.33 7.62 -5.96
CA GLY B 427 -13.56 8.47 -4.79
C GLY B 427 -12.30 9.03 -4.18
N ALA B 428 -12.14 8.84 -2.87
CA ALA B 428 -10.97 9.33 -2.13
C ALA B 428 -9.90 8.24 -2.10
N GLU B 429 -10.03 7.23 -2.96
CA GLU B 429 -9.11 6.06 -2.93
C GLU B 429 -8.19 6.05 -4.15
N THR B 430 -6.95 5.60 -3.97
CA THR B 430 -5.97 5.49 -5.09
C THR B 430 -5.26 4.14 -5.07
N GLY B 431 -4.68 3.72 -6.19
CA GLY B 431 -3.84 2.51 -6.20
C GLY B 431 -4.57 1.19 -6.29
N PHE B 432 -5.72 1.16 -6.93
CA PHE B 432 -6.42 -0.12 -7.14
C PHE B 432 -6.01 -0.74 -8.47
N LEU B 433 -6.11 -2.06 -8.57
CA LEU B 433 -5.82 -2.74 -9.85
C LEU B 433 -7.15 -2.99 -10.54
N ARG B 434 -7.21 -2.65 -11.83
CA ARG B 434 -8.41 -2.94 -12.64
C ARG B 434 -8.27 -4.36 -13.18
N THR B 435 -8.98 -5.30 -12.58
CA THR B 435 -8.88 -6.73 -12.94
C THR B 435 -9.45 -7.00 -14.33
N GLY B 436 -10.27 -6.08 -14.85
CA GLY B 436 -10.93 -6.34 -16.14
C GLY B 436 -12.00 -7.40 -15.96
N ASP B 437 -12.44 -7.58 -14.72
CA ASP B 437 -13.46 -8.60 -14.42
C ASP B 437 -14.70 -7.92 -13.84
N LEU B 438 -15.87 -8.37 -14.26
CA LEU B 438 -17.13 -7.81 -13.72
C LEU B 438 -17.66 -8.74 -12.63
N GLY B 439 -18.29 -8.18 -11.60
CA GLY B 439 -18.92 -8.99 -10.55
C GLY B 439 -19.46 -8.14 -9.43
N PHE B 440 -19.75 -8.76 -8.29
CA PHE B 440 -20.39 -8.01 -7.18
C PHE B 440 -20.07 -8.61 -5.81
N LEU B 441 -20.28 -7.84 -4.75
CA LEU B 441 -20.06 -8.37 -3.36
C LEU B 441 -21.41 -8.62 -2.66
N GLN B 442 -21.75 -9.88 -2.41
CA GLN B 442 -22.99 -10.22 -1.65
C GLN B 442 -22.64 -11.15 -0.49
N GLY B 443 -23.11 -10.85 0.73
CA GLY B 443 -22.91 -11.74 1.88
C GLY B 443 -21.46 -11.85 2.30
N GLY B 444 -20.64 -10.88 1.93
CA GLY B 444 -19.19 -10.94 2.23
C GLY B 444 -18.49 -11.84 1.24
N GLU B 445 -19.22 -12.32 0.23
CA GLU B 445 -18.62 -13.19 -0.81
C GLU B 445 -18.50 -12.38 -2.09
N LEU B 446 -17.54 -12.75 -2.95
CA LEU B 446 -17.32 -12.03 -4.21
C LEU B 446 -17.87 -12.93 -5.30
N TYR B 447 -18.75 -12.38 -6.12
CA TYR B 447 -19.30 -13.14 -7.25
C TYR B 447 -18.67 -12.60 -8.52
N ILE B 448 -18.50 -13.46 -9.51
CA ILE B 448 -17.82 -13.06 -10.77
C ILE B 448 -18.77 -13.38 -11.91
N THR B 449 -19.08 -12.36 -12.72
CA THR B 449 -20.09 -12.53 -13.80
C THR B 449 -19.37 -12.81 -15.09
N GLY B 450 -18.19 -12.21 -15.25
CA GLY B 450 -17.43 -12.41 -16.48
C GLY B 450 -16.39 -11.36 -16.73
N ARG B 451 -15.90 -11.34 -17.95
CA ARG B 451 -14.86 -10.37 -18.32
C ARG B 451 -15.48 -9.16 -19.04
N LEU B 452 -15.05 -7.96 -18.68
CA LEU B 452 -15.52 -6.71 -19.34
C LEU B 452 -15.16 -6.74 -20.82
N LYS B 453 -13.99 -7.23 -21.17
CA LYS B 453 -13.53 -7.16 -22.58
C LYS B 453 -14.20 -8.23 -23.45
N ASP B 454 -14.99 -9.12 -22.84
CA ASP B 454 -15.72 -10.15 -23.63
C ASP B 454 -17.24 -9.87 -23.58
N LEU B 455 -17.67 -8.85 -22.85
CA LEU B 455 -19.11 -8.50 -22.73
C LEU B 455 -19.72 -8.28 -24.10
N LEU B 456 -20.93 -8.80 -24.32
CA LEU B 456 -21.63 -8.58 -25.59
C LEU B 456 -22.70 -7.51 -25.35
N ILE B 457 -22.48 -6.29 -25.85
CA ILE B 457 -23.50 -5.20 -25.71
C ILE B 457 -24.32 -5.16 -26.99
N ILE B 458 -25.45 -5.88 -27.02
CA ILE B 458 -26.28 -5.96 -28.24
C ILE B 458 -27.70 -5.48 -27.88
N ARG B 459 -28.30 -4.63 -28.73
CA ARG B 459 -29.68 -4.10 -28.49
C ARG B 459 -29.76 -3.42 -27.11
N GLY B 460 -28.75 -2.64 -26.74
CA GLY B 460 -28.77 -1.88 -25.48
C GLY B 460 -28.72 -2.75 -24.24
N ARG B 461 -28.42 -4.03 -24.39
CA ARG B 461 -28.42 -4.95 -23.22
C ARG B 461 -27.07 -5.66 -23.08
N ASN B 462 -26.65 -5.92 -21.84
CA ASN B 462 -25.37 -6.65 -21.57
C ASN B 462 -25.63 -8.15 -21.61
N HIS B 463 -24.94 -8.86 -22.52
CA HIS B 463 -25.06 -10.34 -22.59
C HIS B 463 -23.70 -10.97 -22.30
N TYR B 464 -23.66 -11.97 -21.42
CA TYR B 464 -22.39 -12.66 -21.09
C TYR B 464 -22.19 -13.81 -22.08
N PRO B 465 -21.03 -13.88 -22.76
CA PRO B 465 -20.79 -14.89 -23.78
C PRO B 465 -20.86 -16.35 -23.27
N GLN B 466 -20.48 -16.58 -22.02
CA GLN B 466 -20.50 -17.95 -21.43
C GLN B 466 -21.93 -18.50 -21.36
N ASP B 467 -22.91 -17.66 -21.07
CA ASP B 467 -24.32 -18.11 -20.97
C ASP B 467 -24.82 -18.52 -22.36
N ILE B 468 -24.37 -17.83 -23.41
CA ILE B 468 -24.87 -18.10 -24.79
C ILE B 468 -24.22 -19.37 -25.32
N GLU B 469 -22.92 -19.53 -25.10
CA GLU B 469 -22.19 -20.73 -25.56
C GLU B 469 -22.80 -21.98 -24.92
N LEU B 470 -23.22 -21.89 -23.66
CA LEU B 470 -23.82 -23.04 -22.94
C LEU B 470 -25.12 -23.43 -23.65
N THR B 471 -25.91 -22.44 -24.07
CA THR B 471 -27.18 -22.69 -24.80
C THR B 471 -26.88 -23.33 -26.17
N VAL B 472 -25.89 -22.80 -26.89
CA VAL B 472 -25.55 -23.30 -28.26
C VAL B 472 -25.07 -24.75 -28.22
N GLU B 473 -24.19 -25.11 -27.28
CA GLU B 473 -23.63 -26.49 -27.27
C GLU B 473 -24.73 -27.51 -27.06
N VAL B 474 -25.66 -27.23 -26.14
CA VAL B 474 -26.70 -28.24 -25.80
C VAL B 474 -27.86 -28.14 -26.81
N ALA B 475 -27.74 -27.25 -27.81
CA ALA B 475 -28.85 -27.06 -28.77
C ALA B 475 -29.00 -28.25 -29.72
N HIS B 476 -27.90 -28.86 -30.13
CA HIS B 476 -27.94 -30.00 -31.09
C HIS B 476 -26.81 -30.95 -30.76
N PRO B 477 -26.99 -32.30 -30.91
CA PRO B 477 -25.93 -33.27 -30.66
C PRO B 477 -24.70 -33.17 -31.56
N ALA B 478 -24.78 -32.37 -32.61
CA ALA B 478 -23.66 -32.28 -33.58
C ALA B 478 -22.64 -31.26 -33.11
N LEU B 479 -22.92 -30.62 -31.98
CA LEU B 479 -22.04 -29.50 -31.54
C LEU B 479 -21.13 -29.94 -30.40
N ARG B 480 -19.82 -29.81 -30.58
CA ARG B 480 -18.83 -30.18 -29.55
C ARG B 480 -18.98 -29.27 -28.34
N GLN B 481 -18.97 -29.84 -27.14
CA GLN B 481 -19.09 -29.05 -25.91
C GLN B 481 -17.76 -28.41 -25.55
N GLY B 482 -17.78 -27.20 -25.02
CA GLY B 482 -16.55 -26.56 -24.54
C GLY B 482 -15.71 -26.01 -25.66
N ALA B 483 -16.22 -26.02 -26.89
CA ALA B 483 -15.48 -25.45 -28.03
C ALA B 483 -16.36 -24.50 -28.85
N GLY B 484 -16.86 -23.45 -28.20
CA GLY B 484 -17.71 -22.47 -28.88
C GLY B 484 -17.48 -21.06 -28.40
N ALA B 485 -17.75 -20.08 -29.26
CA ALA B 485 -17.49 -18.67 -28.92
C ALA B 485 -18.64 -17.78 -29.42
N ALA B 486 -19.08 -16.85 -28.57
CA ALA B 486 -20.11 -15.88 -28.95
C ALA B 486 -19.46 -14.50 -29.01
N VAL B 487 -19.42 -13.89 -30.19
CA VAL B 487 -18.74 -12.58 -30.36
C VAL B 487 -19.71 -11.53 -30.94
N SER B 488 -19.33 -10.24 -30.89
CA SER B 488 -20.17 -9.15 -31.44
C SER B 488 -19.48 -8.57 -32.68
N VAL B 489 -20.20 -8.45 -33.79
CA VAL B 489 -19.62 -7.93 -35.06
C VAL B 489 -20.40 -6.68 -35.45
N ASP B 490 -19.72 -5.68 -36.00
CA ASP B 490 -20.38 -4.43 -36.44
C ASP B 490 -21.22 -4.66 -37.69
N VAL B 491 -22.53 -4.50 -37.58
CA VAL B 491 -23.42 -4.64 -38.78
C VAL B 491 -24.07 -3.28 -39.04
N ASN B 492 -23.49 -2.50 -39.96
CA ASN B 492 -24.05 -1.17 -40.33
C ASN B 492 -24.17 -0.27 -39.10
N GLY B 493 -23.16 -0.25 -38.23
CA GLY B 493 -23.16 0.68 -37.08
C GLY B 493 -23.60 0.03 -35.78
N GLU B 494 -24.27 -1.12 -35.86
CA GLU B 494 -24.81 -1.76 -34.64
C GLU B 494 -24.13 -3.11 -34.36
N GLU B 495 -23.85 -3.38 -33.09
CA GLU B 495 -23.29 -4.70 -32.70
C GLU B 495 -24.33 -5.80 -32.89
N GLN B 496 -23.95 -6.87 -33.58
CA GLN B 496 -24.83 -8.05 -33.78
C GLN B 496 -24.10 -9.32 -33.33
N LEU B 497 -24.83 -10.33 -32.86
CA LEU B 497 -24.22 -11.57 -32.31
C LEU B 497 -23.75 -12.51 -33.41
N VAL B 498 -22.53 -13.02 -33.30
CA VAL B 498 -22.01 -14.05 -34.24
C VAL B 498 -21.56 -15.27 -33.42
N ILE B 499 -21.87 -16.47 -33.90
CA ILE B 499 -21.53 -17.70 -33.16
C ILE B 499 -20.49 -18.50 -33.95
N VAL B 500 -19.37 -18.82 -33.31
CA VAL B 500 -18.33 -19.69 -33.93
C VAL B 500 -18.30 -20.96 -33.09
N GLN B 501 -18.69 -22.09 -33.67
CA GLN B 501 -18.85 -23.30 -32.85
C GLN B 501 -18.28 -24.53 -33.56
N GLU B 502 -17.58 -25.37 -32.80
CA GLU B 502 -17.00 -26.59 -33.37
C GLU B 502 -18.06 -27.68 -33.53
N VAL B 503 -17.94 -28.46 -34.61
CA VAL B 503 -18.85 -29.60 -34.86
C VAL B 503 -18.17 -30.87 -34.33
N GLU B 504 -18.94 -31.89 -33.98
CA GLU B 504 -18.35 -33.18 -33.52
C GLU B 504 -17.66 -33.86 -34.70
N ARG B 505 -16.71 -34.76 -34.46
CA ARG B 505 -15.92 -35.36 -35.56
C ARG B 505 -16.80 -36.06 -36.59
N LYS B 506 -17.74 -36.90 -36.15
CA LYS B 506 -18.59 -37.66 -37.10
C LYS B 506 -19.38 -36.71 -37.99
N TYR B 507 -20.13 -35.79 -37.37
CA TYR B 507 -21.02 -34.90 -38.13
C TYR B 507 -20.21 -33.94 -38.99
N ALA B 508 -18.89 -33.96 -38.87
CA ALA B 508 -18.05 -33.07 -39.69
C ALA B 508 -18.09 -33.52 -41.16
N ARG B 509 -18.50 -34.76 -41.41
CA ARG B 509 -18.45 -35.28 -42.81
C ARG B 509 -19.41 -34.46 -43.68
N LYS B 510 -20.64 -34.28 -43.20
CA LYS B 510 -21.66 -33.46 -43.92
C LYS B 510 -22.63 -32.97 -42.85
N LEU B 511 -22.77 -31.66 -42.69
CA LEU B 511 -23.61 -31.15 -41.59
C LEU B 511 -24.89 -30.54 -42.16
N ASN B 512 -26.04 -30.87 -41.58
CA ASN B 512 -27.28 -30.18 -42.02
C ASN B 512 -27.24 -28.79 -41.38
N VAL B 513 -26.50 -27.87 -41.99
CA VAL B 513 -26.33 -26.51 -41.41
C VAL B 513 -27.71 -25.93 -41.13
N ALA B 514 -28.64 -26.10 -42.05
CA ALA B 514 -29.98 -25.50 -41.87
C ALA B 514 -30.60 -25.97 -40.57
N ALA B 515 -30.65 -27.28 -40.34
CA ALA B 515 -31.27 -27.83 -39.12
C ALA B 515 -30.50 -27.41 -37.88
N VAL B 516 -29.17 -27.53 -37.90
CA VAL B 516 -28.35 -27.22 -36.70
C VAL B 516 -28.42 -25.71 -36.42
N ALA B 517 -28.47 -24.90 -37.47
CA ALA B 517 -28.59 -23.44 -37.28
C ALA B 517 -29.97 -23.10 -36.73
N GLN B 518 -31.01 -23.78 -37.19
CA GLN B 518 -32.38 -23.54 -36.69
C GLN B 518 -32.43 -23.92 -35.22
N ALA B 519 -31.83 -25.04 -34.86
CA ALA B 519 -31.75 -25.43 -33.43
C ALA B 519 -31.11 -24.29 -32.64
N ILE B 520 -29.92 -23.85 -33.06
CA ILE B 520 -29.19 -22.79 -32.31
C ILE B 520 -30.02 -21.51 -32.24
N ARG B 521 -30.56 -21.05 -33.35
CA ARG B 521 -31.38 -19.81 -33.37
C ARG B 521 -32.57 -19.98 -32.43
N GLY B 522 -33.18 -21.16 -32.41
CA GLY B 522 -34.32 -21.42 -31.51
C GLY B 522 -33.91 -21.35 -30.07
N ALA B 523 -32.70 -21.82 -29.77
CA ALA B 523 -32.28 -21.88 -28.35
C ALA B 523 -31.89 -20.47 -27.88
N ILE B 524 -31.12 -19.75 -28.68
CA ILE B 524 -30.64 -18.42 -28.27
C ILE B 524 -31.85 -17.50 -28.10
N ALA B 525 -32.79 -17.56 -29.04
CA ALA B 525 -34.00 -16.72 -28.95
C ALA B 525 -34.76 -17.00 -27.65
N ALA B 526 -35.02 -18.26 -27.33
CA ALA B 526 -35.82 -18.53 -26.11
C ALA B 526 -35.03 -18.09 -24.88
N GLU B 527 -33.80 -18.57 -24.72
CA GLU B 527 -32.99 -18.28 -23.51
C GLU B 527 -32.56 -16.80 -23.39
N HIS B 528 -32.20 -16.13 -24.49
CA HIS B 528 -31.61 -14.76 -24.36
C HIS B 528 -32.33 -13.66 -25.15
N GLN B 529 -33.28 -14.01 -26.03
CA GLN B 529 -34.00 -13.02 -26.87
C GLN B 529 -32.99 -12.35 -27.79
N LEU B 530 -32.34 -13.15 -28.62
CA LEU B 530 -31.30 -12.64 -29.53
C LEU B 530 -31.41 -13.39 -30.84
N GLN B 531 -31.16 -12.69 -31.95
CA GLN B 531 -31.13 -13.37 -33.27
C GLN B 531 -29.70 -13.24 -33.78
N PRO B 532 -28.91 -14.35 -33.89
CA PRO B 532 -27.56 -14.27 -34.43
C PRO B 532 -27.47 -13.83 -35.89
N GLN B 533 -26.58 -12.88 -36.18
CA GLN B 533 -26.33 -12.49 -37.59
C GLN B 533 -25.72 -13.67 -38.34
N ALA B 534 -24.82 -14.43 -37.70
CA ALA B 534 -24.14 -15.54 -38.41
C ALA B 534 -23.76 -16.70 -37.48
N ILE B 535 -23.76 -17.92 -38.00
CA ILE B 535 -23.31 -19.11 -37.22
C ILE B 535 -22.26 -19.82 -38.07
N CYS B 536 -21.01 -19.80 -37.62
CA CYS B 536 -19.90 -20.43 -38.38
C CYS B 536 -19.56 -21.77 -37.75
N PHE B 537 -19.70 -22.83 -38.52
CA PHE B 537 -19.38 -24.19 -38.04
C PHE B 537 -17.93 -24.50 -38.38
N ILE B 538 -17.12 -24.87 -37.38
CA ILE B 538 -15.67 -25.09 -37.65
C ILE B 538 -15.27 -26.53 -37.30
N LYS B 539 -14.08 -26.96 -37.76
CA LYS B 539 -13.61 -28.36 -37.56
C LYS B 539 -13.28 -28.63 -36.10
N PRO B 540 -13.38 -29.88 -35.61
CA PRO B 540 -13.00 -30.22 -34.24
C PRO B 540 -11.52 -29.93 -33.97
N GLY B 541 -11.21 -29.25 -32.87
CA GLY B 541 -9.82 -28.90 -32.52
C GLY B 541 -9.30 -27.65 -33.21
N SER B 542 -10.13 -26.98 -34.02
CA SER B 542 -9.65 -25.85 -34.84
C SER B 542 -9.83 -24.49 -34.16
N ILE B 543 -10.62 -24.41 -33.11
CA ILE B 543 -10.96 -23.09 -32.50
C ILE B 543 -9.72 -22.43 -31.96
N PRO B 544 -9.52 -21.10 -32.17
CA PRO B 544 -8.41 -20.38 -31.55
C PRO B 544 -8.46 -20.54 -30.03
N LYS B 545 -7.39 -21.07 -29.46
CA LYS B 545 -7.31 -21.28 -27.99
C LYS B 545 -5.94 -20.86 -27.48
N THR B 546 -5.85 -20.60 -26.18
CA THR B 546 -4.54 -20.33 -25.56
C THR B 546 -3.79 -21.64 -25.42
N SER B 547 -2.51 -21.59 -25.04
CA SER B 547 -1.70 -22.81 -24.82
C SER B 547 -2.34 -23.60 -23.69
N SER B 548 -2.98 -22.90 -22.75
CA SER B 548 -3.72 -23.54 -21.63
C SER B 548 -5.07 -24.14 -22.08
N GLY B 549 -5.52 -23.83 -23.29
CA GLY B 549 -6.80 -24.37 -23.81
C GLY B 549 -8.00 -23.44 -23.63
N LYS B 550 -7.81 -22.27 -23.03
CA LYS B 550 -8.90 -21.27 -22.89
C LYS B 550 -9.23 -20.69 -24.27
N ILE B 551 -10.51 -20.61 -24.62
CA ILE B 551 -10.94 -20.08 -25.94
C ILE B 551 -10.58 -18.60 -26.06
N ARG B 552 -10.06 -18.20 -27.22
CA ARG B 552 -9.76 -16.77 -27.49
C ARG B 552 -10.91 -16.22 -28.34
N ARG B 553 -11.94 -15.70 -27.68
CA ARG B 553 -13.15 -15.17 -28.36
C ARG B 553 -12.76 -14.08 -29.37
N HIS B 554 -11.92 -13.14 -28.95
CA HIS B 554 -11.43 -12.06 -29.86
C HIS B 554 -10.86 -12.65 -31.14
N ALA B 555 -10.15 -13.77 -31.06
CA ALA B 555 -9.49 -14.34 -32.23
C ALA B 555 -10.50 -15.06 -33.13
N CYS B 556 -11.57 -15.59 -32.54
CA CYS B 556 -12.63 -16.23 -33.35
C CYS B 556 -13.30 -15.16 -34.22
N LYS B 557 -13.58 -13.99 -33.66
CA LYS B 557 -14.17 -12.87 -34.43
C LYS B 557 -13.19 -12.44 -35.52
N ALA B 558 -11.91 -12.34 -35.18
CA ALA B 558 -10.88 -11.95 -36.17
C ALA B 558 -10.91 -12.95 -37.32
N GLY B 559 -10.97 -14.24 -37.01
CA GLY B 559 -10.93 -15.28 -38.05
C GLY B 559 -12.17 -15.30 -38.89
N PHE B 560 -13.31 -14.95 -38.31
CA PHE B 560 -14.58 -14.84 -39.08
C PHE B 560 -14.42 -13.71 -40.09
N LEU B 561 -13.83 -12.61 -39.68
CA LEU B 561 -13.68 -11.44 -40.58
C LEU B 561 -12.48 -11.58 -41.52
N ASP B 562 -11.58 -12.55 -41.31
CA ASP B 562 -10.37 -12.63 -42.16
C ASP B 562 -10.28 -13.95 -42.93
N GLY B 563 -11.26 -14.84 -42.79
CA GLY B 563 -11.28 -16.10 -43.55
C GLY B 563 -10.23 -17.11 -43.12
N SER B 564 -9.77 -17.07 -41.88
CA SER B 564 -8.69 -17.98 -41.38
C SER B 564 -9.26 -19.20 -40.64
N LEU B 565 -10.58 -19.30 -40.50
CA LEU B 565 -11.15 -20.41 -39.71
C LEU B 565 -11.24 -21.69 -40.55
N ALA B 566 -11.22 -22.86 -39.90
CA ALA B 566 -11.37 -24.15 -40.60
C ALA B 566 -12.85 -24.47 -40.70
N VAL B 567 -13.57 -23.81 -41.61
CA VAL B 567 -15.06 -23.89 -41.69
C VAL B 567 -15.57 -25.19 -42.33
N VAL B 568 -16.56 -25.84 -41.70
CA VAL B 568 -17.21 -27.04 -42.30
C VAL B 568 -18.66 -26.70 -42.62
N GLY B 569 -19.10 -25.46 -42.40
CA GLY B 569 -20.51 -25.05 -42.64
C GLY B 569 -20.76 -23.63 -42.18
N GLU B 570 -21.78 -22.96 -42.73
CA GLU B 570 -22.00 -21.52 -42.39
C GLU B 570 -23.46 -21.10 -42.61
N TRP B 571 -24.05 -20.40 -41.64
CA TRP B 571 -25.41 -19.84 -41.82
C TRP B 571 -25.30 -18.34 -41.58
N GLN B 572 -26.00 -17.53 -42.37
CA GLN B 572 -25.96 -16.04 -42.20
C GLN B 572 -27.37 -15.48 -42.41
C15 1TF C . 3.76 16.49 13.72
C17 1TF C . 1.85 15.33 14.86
C20 1TF C . -1.17 16.08 15.54
C21 1TF C . -2.60 15.85 15.07
C22 1TF C . -3.58 16.83 15.71
C24 1TF C . -5.33 17.96 14.29
C26 1TF C . -7.45 19.31 13.89
C28 1TF C . -9.72 20.30 14.46
C02 1TF C . 4.67 12.64 20.60
C03 1TF C . 5.18 13.25 19.45
C04 1TF C . 6.53 13.45 19.36
C06 1TF C . 8.10 14.42 17.72
C08 1TF C . 8.61 14.50 15.45
C09 1TF C . 7.96 15.00 14.19
C14 1TF C . 5.18 16.99 13.94
C16 1TF C . 3.04 16.27 15.04
C18 1TF C . 1.05 15.09 16.12
C19 1TF C . -0.39 14.78 15.74
C23 1TF C . -3.91 18.01 14.81
C25 1TF C . -6.05 19.29 14.49
C27 1TF C . -8.22 20.57 14.31
C29 1TF C . -10.57 21.18 13.54
C32 1TF C . 8.28 13.28 15.66
C34 1TF C . 8.69 13.13 17.11
C36 1TF C . 5.61 14.19 17.57
C39 1TF C . 6.80 12.49 21.43
N01 1TF C . 3.26 12.39 20.73
N05 1TF C . 6.75 14.04 18.19
N37 1TF C . 4.64 13.71 18.31
N38 1TF C . 7.31 13.07 20.38
N40 1TF C . 5.50 12.28 21.55
O07 1TF C . 8.05 15.26 16.75
O10 1TF C . 8.16 16.37 14.11
O12 1TF C . 8.23 18.51 12.71
O13 1TF C . 5.97 17.42 12.86
O30 1TF C . 5.57 17.02 15.06
O31 1TF C . 7.95 16.36 11.55
O33 1TF C . 9.03 12.38 14.75
O35 1TF C . 10.05 13.15 17.22
P11 1TF C . 7.59 17.16 12.79
P1 POP D . 13.80 16.79 11.56
O1 POP D . 14.16 17.94 10.67
O2 POP D . 14.96 16.34 12.36
O3 POP D . 13.11 15.69 10.85
O POP D . 12.79 17.35 12.65
P2 POP D . 11.25 17.04 12.89
O4 POP D . 10.61 17.62 11.68
O5 POP D . 10.89 17.74 14.16
O6 POP D . 11.10 15.56 12.98
MG MG E . 12.39 14.04 11.93
C ACT F . 0.96 8.33 -3.13
O ACT F . 2.02 7.89 -2.58
OXT ACT F . 0.23 9.25 -2.78
CH3 ACT F . 0.55 7.60 -4.41
C15 1TF G . -5.57 -17.44 -11.75
C17 1TF G . -6.59 -18.14 -9.60
C20 1TF G . -6.34 -20.23 -7.19
C21 1TF G . -5.59 -20.22 -5.88
C22 1TF G . -5.48 -21.62 -5.30
C24 1TF G . -3.38 -22.74 -4.49
C26 1TF G . -2.30 -24.65 -3.23
C28 1TF G . -1.67 -26.61 -1.77
C02 1TF G . -13.41 -17.58 -10.92
C03 1TF G . -12.24 -17.21 -11.62
C04 1TF G . -12.38 -16.64 -12.86
C06 1TF G . -10.82 -15.78 -14.60
C08 1TF G . -8.85 -14.63 -15.03
C09 1TF G . -7.37 -14.73 -14.70
C14 1TF G . -5.69 -17.37 -13.27
C16 1TF G . -6.65 -18.32 -11.11
C18 1TF G . -7.67 -18.91 -8.84
C19 1TF G . -7.23 -19.02 -7.38
C23 1TF G . -4.21 -22.34 -5.71
C25 1TF G . -3.00 -24.21 -4.52
C27 1TF G . -2.03 -26.15 -3.18
C29 1TF G . -0.47 -27.54 -1.75
C32 1TF G . -9.43 -13.95 -14.11
C34 1TF G . -10.87 -14.24 -14.45
C36 1TF G . -10.28 -16.78 -12.36
C39 1TF G . -14.67 -16.82 -12.68
N01 1TF G . -13.32 -18.18 -9.61
N05 1TF G . -11.14 -16.39 -13.29
N37 1TF G . -10.93 -17.28 -11.34
N38 1TF G . -13.60 -16.47 -13.35
N40 1TF G . -14.58 -17.37 -11.49
O07 1TF G . -9.61 -16.05 -14.96
O10 1TF G . -6.73 -15.62 -15.56
O12 1TF G . -4.59 -16.63 -16.54
O13 1TF G . -4.75 -16.60 -13.98
O30 1TF G . -6.57 -17.94 -13.83
O31 1TF G . -4.44 -14.48 -15.38
O33 1TF G . -9.11 -12.50 -14.22
O35 1TF G . -11.15 -13.68 -15.65
P11 1TF G . -5.11 -15.82 -15.39
P1 POP H . -5.57 -12.37 -20.77
O1 POP H . -4.30 -12.62 -21.51
O2 POP H . -5.40 -11.46 -19.60
O3 POP H . -6.68 -11.96 -21.66
O POP H . -6.03 -13.77 -20.19
P2 POP H . -6.10 -14.29 -18.71
O4 POP H . -4.67 -14.36 -18.34
O5 POP H . -6.86 -13.30 -17.91
O6 POP H . -6.78 -15.62 -18.81
MG MG I . -6.56 -11.26 -17.85
C ACT J . 6.48 -4.36 -4.54
O ACT J . 6.91 -4.35 -5.72
OXT ACT J . 6.07 -5.33 -3.87
CH3 ACT J . 6.47 -3.00 -3.82
#